data_1W25
#
_entry.id   1W25
#
_cell.length_a   135.870
_cell.length_b   135.870
_cell.length_c   169.247
_cell.angle_alpha   90.00
_cell.angle_beta   90.00
_cell.angle_gamma   90.00
#
_symmetry.space_group_name_H-M   'P 42 21 2'
#
loop_
_entity.id
_entity.type
_entity.pdbx_description
1 polymer 'STALKED-CELL DIFFERENTIATION CONTROLLING PROTEIN'
2 non-polymer 'ZINC ION'
3 non-polymer 'MAGNESIUM ION'
4 non-polymer "9,9'-[(2R,3R,3aS,5S,7aR,9R,10R,10aS,12S,14aR)-3,5,10,12-tetrahydroxy-5,12-dioxidooctahydro-2H,7H-difuro[3,2-d:3',2'-j][1,3,7,9,2,8]tetraoxadiphosphacyclododecine-2,9-diyl]bis(2-amino-1,9-dihydro-6H-purin-6-one)"
5 water water
#
_entity_poly.entity_id   1
_entity_poly.type   'polypeptide(L)'
_entity_poly.pdbx_seq_one_letter_code
;SARILVVDDIEANVRLLEAKLTAEYYEVSTAMDGPTALAMAARDLPDIILLDVMMPGMDGFTVCRKLKDDPTTRHIPVVL
ITALDGRGDRIQGLESGASDFLTKPIDDVMLFARVRSLTRFKLVIDELRQREASGRRMGVIAGAAARLDGLGGRVLIVDD
NERQAQRVAAELGVEHRPVIESDPEKAKISAGGPVDLVIVNAAAKNFDGLRFTAALRSEERTRQLPVLAMVDPDDRGRMV
KALEIGVNDILSRPIDPQELSARVKTQIQRKRYTDYLRNNLDHSLELAVTDQLTGLHNRRYMTGQLDSLVKRATLGGDPV
SALLIDIDFFKKINDTFGHDIGDEVLREFALRLASNVRAIDLPCRYGGEEFVVIMPDTALADALRIAERIRMHVSGSPFT
VAHGREMLNVTISIGVSATAGEGDTPEALLKRADEGVYQAKASGRNAVVGKAAHHHHHH
;
_entity_poly.pdbx_strand_id   A,B
#
loop_
_chem_comp.id
_chem_comp.type
_chem_comp.name
_chem_comp.formula
C2E non-polymer 9,9'-[(2R,3R,3aS,5S,7aR,9R,10R,10aS,12S,14aR)-3,5,10,12-tetrahydroxy-5,12-dioxidooctahydro-2H,7H-difuro[3,2-d:3',2'-j][1,3,7,9,2,8]tetraoxadiphosphacyclododecine-2,9-diyl]bis(2-amino-1,9-dihydro-6H-purin-6-one) 'C20 H24 N10 O14 P2'
MG non-polymer 'MAGNESIUM ION' 'Mg 2'
ZN non-polymer 'ZINC ION' 'Zn 2'
#
# COMPACT_ATOMS: atom_id res chain seq x y z
N SER A 1 -4.82 -17.68 1.54
CA SER A 1 -4.25 -16.45 0.92
C SER A 1 -4.40 -16.44 -0.60
N ALA A 2 -4.25 -17.61 -1.23
CA ALA A 2 -4.35 -17.69 -2.68
C ALA A 2 -4.91 -19.03 -3.14
N ARG A 3 -5.38 -19.04 -4.39
CA ARG A 3 -5.85 -20.22 -5.04
C ARG A 3 -4.74 -20.73 -5.96
N ILE A 4 -4.34 -21.98 -5.76
CA ILE A 4 -3.23 -22.61 -6.49
C ILE A 4 -3.73 -23.83 -7.25
N LEU A 5 -3.33 -23.92 -8.51
CA LEU A 5 -3.58 -25.09 -9.34
C LEU A 5 -2.28 -25.87 -9.54
N VAL A 6 -2.26 -27.11 -9.06
CA VAL A 6 -1.08 -27.97 -9.16
C VAL A 6 -1.30 -28.96 -10.29
N VAL A 7 -0.28 -29.17 -11.12
CA VAL A 7 -0.40 -30.02 -12.31
C VAL A 7 0.77 -31.00 -12.46
N ASP A 8 0.49 -32.29 -12.36
CA ASP A 8 1.50 -33.30 -12.56
C ASP A 8 0.79 -34.60 -12.90
N ASP A 9 1.44 -35.47 -13.67
CA ASP A 9 0.80 -36.72 -14.10
C ASP A 9 0.85 -37.85 -13.07
N ILE A 10 1.71 -37.72 -12.04
CA ILE A 10 1.87 -38.75 -11.02
C ILE A 10 1.04 -38.42 -9.79
N GLU A 11 -0.05 -39.16 -9.59
CA GLU A 11 -0.97 -38.92 -8.48
C GLU A 11 -0.36 -39.37 -7.15
N ALA A 12 0.49 -38.51 -6.60
CA ALA A 12 1.29 -38.84 -5.41
C ALA A 12 2.22 -37.66 -5.19
N ASN A 13 2.87 -37.23 -6.27
CA ASN A 13 3.52 -35.92 -6.30
C ASN A 13 2.48 -34.82 -6.14
N VAL A 14 1.32 -35.02 -6.74
CA VAL A 14 0.21 -34.07 -6.65
C VAL A 14 -0.36 -34.02 -5.23
N ARG A 15 -0.52 -35.18 -4.61
CA ARG A 15 -1.06 -35.25 -3.24
C ARG A 15 -0.10 -34.65 -2.22
N LEU A 16 1.20 -34.88 -2.39
CA LEU A 16 2.22 -34.36 -1.48
C LEU A 16 2.26 -32.83 -1.54
N LEU A 17 2.28 -32.27 -2.74
CA LEU A 17 2.21 -30.82 -2.93
C LEU A 17 0.89 -30.25 -2.43
N GLU A 18 -0.21 -30.94 -2.72
CA GLU A 18 -1.51 -30.49 -2.26
C GLU A 18 -1.53 -30.40 -0.74
N ALA A 19 -1.03 -31.45 -0.08
CA ALA A 19 -1.03 -31.51 1.37
C ALA A 19 -0.18 -30.41 2.00
N LYS A 20 1.04 -30.21 1.50
CA LYS A 20 1.92 -29.15 2.01
C LYS A 20 1.29 -27.76 1.88
N LEU A 21 0.67 -27.49 0.73
CA LEU A 21 0.09 -26.18 0.47
C LEU A 21 -1.17 -25.91 1.30
N THR A 22 -2.07 -26.88 1.44
CA THR A 22 -3.30 -26.64 2.23
C THR A 22 -3.00 -26.64 3.74
N ALA A 23 -1.89 -27.22 4.16
CA ALA A 23 -1.42 -27.10 5.53
C ALA A 23 -1.02 -25.66 5.86
N GLU A 24 -0.65 -24.88 4.85
CA GLU A 24 -0.44 -23.44 5.02
C GLU A 24 -1.65 -22.59 4.59
N TYR A 25 -2.82 -23.22 4.52
CA TYR A 25 -4.11 -22.55 4.29
C TYR A 25 -4.32 -21.93 2.90
N TYR A 26 -3.56 -22.39 1.90
CA TYR A 26 -3.86 -22.10 0.50
C TYR A 26 -5.03 -22.96 0.02
N GLU A 27 -5.76 -22.46 -0.97
CA GLU A 27 -6.85 -23.20 -1.60
C GLU A 27 -6.34 -23.90 -2.87
N VAL A 28 -6.26 -25.22 -2.82
CA VAL A 28 -5.56 -25.99 -3.84
C VAL A 28 -6.49 -26.85 -4.68
N SER A 29 -6.38 -26.73 -6.00
CA SER A 29 -7.01 -27.67 -6.93
C SER A 29 -5.93 -28.39 -7.73
N THR A 30 -6.29 -29.53 -8.33
CA THR A 30 -5.32 -30.37 -9.05
C THR A 30 -5.78 -30.81 -10.43
N ALA A 31 -4.81 -31.17 -11.26
CA ALA A 31 -5.08 -31.69 -12.59
C ALA A 31 -3.98 -32.70 -12.93
N MET A 32 -4.36 -33.81 -13.54
CA MET A 32 -3.43 -34.92 -13.77
C MET A 32 -2.93 -34.95 -15.21
N ASP A 33 -3.35 -33.99 -16.02
CA ASP A 33 -2.92 -33.91 -17.42
C ASP A 33 -3.18 -32.52 -17.99
N GLY A 34 -2.69 -32.29 -19.21
CA GLY A 34 -2.68 -30.95 -19.82
C GLY A 34 -4.04 -30.36 -20.15
N PRO A 35 -4.83 -31.06 -20.96
CA PRO A 35 -6.18 -30.60 -21.26
C PRO A 35 -7.03 -30.27 -20.03
N THR A 36 -6.96 -31.09 -18.98
CA THR A 36 -7.64 -30.81 -17.72
C THR A 36 -7.16 -29.48 -17.13
N ALA A 37 -5.84 -29.29 -17.08
CA ALA A 37 -5.26 -28.09 -16.48
C ALA A 37 -5.72 -26.81 -17.19
N LEU A 38 -5.75 -26.87 -18.52
CA LEU A 38 -6.14 -25.71 -19.32
C LEU A 38 -7.60 -25.36 -19.12
N ALA A 39 -8.45 -26.37 -19.04
CA ALA A 39 -9.88 -26.19 -18.78
C ALA A 39 -10.12 -25.60 -17.39
N MET A 40 -9.40 -26.10 -16.39
CA MET A 40 -9.54 -25.63 -15.00
C MET A 40 -8.98 -24.23 -14.79
N ALA A 41 -7.86 -23.92 -15.44
CA ALA A 41 -7.31 -22.59 -15.35
C ALA A 41 -8.27 -21.55 -15.92
N ALA A 42 -8.87 -21.85 -17.07
CA ALA A 42 -9.83 -20.95 -17.69
C ALA A 42 -11.11 -20.80 -16.87
N ARG A 43 -11.57 -21.89 -16.26
CA ARG A 43 -12.78 -21.91 -15.44
C ARG A 43 -12.59 -21.25 -14.07
N ASP A 44 -11.47 -21.54 -13.40
CA ASP A 44 -11.22 -21.08 -12.02
C ASP A 44 -10.42 -19.79 -11.91
N LEU A 45 -9.61 -19.49 -12.93
CA LEU A 45 -8.69 -18.34 -12.89
C LEU A 45 -7.84 -18.30 -11.61
N PRO A 46 -7.03 -19.33 -11.38
CA PRO A 46 -6.25 -19.43 -10.16
C PRO A 46 -5.23 -18.28 -10.02
N ASP A 47 -4.71 -18.07 -8.82
CA ASP A 47 -3.74 -17.02 -8.58
C ASP A 47 -2.38 -17.42 -9.12
N ILE A 48 -1.96 -18.67 -8.91
CA ILE A 48 -0.76 -19.19 -9.58
C ILE A 48 -0.91 -20.67 -9.96
N ILE A 49 -0.06 -21.13 -10.87
CA ILE A 49 -0.08 -22.51 -11.37
C ILE A 49 1.29 -23.15 -11.19
N LEU A 50 1.31 -24.28 -10.49
CA LEU A 50 2.53 -25.09 -10.34
C LEU A 50 2.43 -26.23 -11.35
N LEU A 51 3.40 -26.30 -12.25
CA LEU A 51 3.28 -27.12 -13.44
C LEU A 51 4.51 -27.97 -13.66
N ASP A 52 4.36 -29.29 -13.66
CA ASP A 52 5.47 -30.20 -13.95
C ASP A 52 5.76 -30.20 -15.45
N VAL A 53 7.04 -30.18 -15.81
CA VAL A 53 7.43 -30.19 -17.23
C VAL A 53 7.22 -31.54 -17.94
N MET A 54 7.37 -32.64 -17.20
CA MET A 54 7.26 -34.01 -17.78
C MET A 54 5.85 -34.55 -17.70
N MET A 55 5.17 -34.66 -18.84
CA MET A 55 3.88 -35.35 -18.92
C MET A 55 3.71 -36.00 -20.29
N PRO A 56 3.14 -37.19 -20.33
CA PRO A 56 2.94 -37.89 -21.60
C PRO A 56 1.80 -37.25 -22.41
N GLY A 57 1.95 -37.23 -23.74
CA GLY A 57 0.95 -36.64 -24.63
C GLY A 57 1.11 -35.14 -24.79
N MET A 58 0.91 -34.39 -23.72
CA MET A 58 1.11 -32.95 -23.74
C MET A 58 1.95 -32.52 -22.53
N ASP A 59 3.18 -32.09 -22.78
CA ASP A 59 4.11 -31.78 -21.70
C ASP A 59 3.88 -30.36 -21.15
N GLY A 60 4.54 -30.05 -20.04
CA GLY A 60 4.36 -28.78 -19.35
C GLY A 60 4.72 -27.57 -20.19
N PHE A 61 5.72 -27.70 -21.06
CA PHE A 61 6.08 -26.59 -21.93
C PHE A 61 4.92 -26.22 -22.86
N THR A 62 4.30 -27.24 -23.46
CA THR A 62 3.11 -27.02 -24.29
C THR A 62 1.97 -26.37 -23.49
N VAL A 63 1.70 -26.90 -22.32
CA VAL A 63 0.65 -26.36 -21.44
C VAL A 63 0.92 -24.90 -21.11
N CYS A 64 2.13 -24.63 -20.66
CA CYS A 64 2.58 -23.26 -20.39
C CYS A 64 2.37 -22.32 -21.57
N ARG A 65 2.83 -22.72 -22.76
CA ARG A 65 2.60 -21.94 -23.97
C ARG A 65 1.12 -21.70 -24.19
N LYS A 66 0.32 -22.76 -24.13
CA LYS A 66 -1.12 -22.64 -24.34
C LYS A 66 -1.80 -21.72 -23.30
N LEU A 67 -1.31 -21.73 -22.06
CA LEU A 67 -1.83 -20.79 -21.03
C LEU A 67 -1.58 -19.33 -21.38
N LYS A 68 -0.48 -19.07 -22.11
CA LYS A 68 -0.16 -17.72 -22.58
C LYS A 68 -0.88 -17.37 -23.89
N ASP A 69 -1.27 -18.37 -24.67
CA ASP A 69 -2.03 -18.11 -25.91
C ASP A 69 -3.45 -17.66 -25.59
N ASP A 70 -4.01 -18.17 -24.50
CA ASP A 70 -5.36 -17.82 -24.10
C ASP A 70 -5.33 -16.45 -23.42
N PRO A 71 -6.06 -15.46 -23.96
CA PRO A 71 -6.08 -14.12 -23.36
C PRO A 71 -6.67 -14.09 -21.94
N THR A 72 -7.45 -15.11 -21.59
CA THR A 72 -8.05 -15.27 -20.26
C THR A 72 -7.07 -15.68 -19.16
N THR A 73 -6.03 -16.46 -19.51
CA THR A 73 -5.09 -17.03 -18.51
C THR A 73 -3.67 -16.48 -18.61
N ARG A 74 -3.40 -15.73 -19.68
CA ARG A 74 -2.09 -15.09 -19.93
C ARG A 74 -1.47 -14.48 -18.69
N HIS A 75 -2.30 -13.80 -17.91
CA HIS A 75 -1.83 -13.04 -16.75
C HIS A 75 -1.39 -13.86 -15.52
N ILE A 76 -1.68 -15.17 -15.53
CA ILE A 76 -1.43 -16.01 -14.35
C ILE A 76 0.01 -16.52 -14.32
N PRO A 77 0.76 -16.18 -13.26
CA PRO A 77 2.10 -16.70 -13.07
C PRO A 77 2.18 -18.22 -13.06
N VAL A 78 3.13 -18.77 -13.83
CA VAL A 78 3.32 -20.20 -13.94
C VAL A 78 4.72 -20.54 -13.43
N VAL A 79 4.79 -21.48 -12.49
CA VAL A 79 6.05 -22.01 -12.01
C VAL A 79 6.24 -23.39 -12.60
N LEU A 80 7.36 -23.64 -13.27
CA LEU A 80 7.66 -24.97 -13.78
C LEU A 80 8.49 -25.79 -12.79
N ILE A 81 8.11 -27.05 -12.63
CA ILE A 81 8.84 -27.98 -11.77
C ILE A 81 9.77 -28.79 -12.67
N THR A 82 11.07 -28.63 -12.49
CA THR A 82 12.08 -29.30 -13.32
C THR A 82 12.78 -30.39 -12.54
N ALA A 83 13.55 -31.20 -13.25
CA ALA A 83 14.40 -32.20 -12.62
C ALA A 83 15.66 -31.54 -12.03
N LEU A 84 16.50 -32.34 -11.38
CA LEU A 84 17.72 -31.86 -10.70
C LEU A 84 18.65 -31.12 -11.68
N ASP A 85 19.06 -31.82 -12.73
CA ASP A 85 19.81 -31.23 -13.83
C ASP A 85 18.84 -30.63 -14.84
N GLY A 86 18.40 -29.41 -14.59
CA GLY A 86 17.28 -28.82 -15.32
C GLY A 86 17.64 -27.63 -16.19
N ARG A 87 18.89 -27.59 -16.67
CA ARG A 87 19.34 -26.46 -17.46
C ARG A 87 18.52 -26.37 -18.74
N GLY A 88 18.48 -27.46 -19.50
CA GLY A 88 17.69 -27.54 -20.73
C GLY A 88 16.24 -27.17 -20.48
N ASP A 89 15.68 -27.70 -19.40
CA ASP A 89 14.29 -27.44 -19.00
C ASP A 89 14.03 -25.96 -18.69
N ARG A 90 14.94 -25.33 -17.94
CA ARG A 90 14.79 -23.91 -17.60
C ARG A 90 14.92 -22.99 -18.79
N ILE A 91 15.82 -23.32 -19.72
CA ILE A 91 15.97 -22.51 -20.94
C ILE A 91 14.71 -22.62 -21.79
N GLN A 92 14.20 -23.83 -21.96
CA GLN A 92 12.94 -24.03 -22.68
C GLN A 92 11.74 -23.45 -21.92
N GLY A 93 11.81 -23.50 -20.59
CA GLY A 93 10.75 -22.93 -19.76
C GLY A 93 10.63 -21.43 -19.96
N LEU A 94 11.76 -20.74 -20.06
CA LEU A 94 11.78 -19.30 -20.28
C LEU A 94 11.16 -18.95 -21.63
N GLU A 95 11.53 -19.65 -22.70
CA GLU A 95 10.95 -19.32 -23.99
C GLU A 95 9.47 -19.74 -24.10
N SER A 96 8.98 -20.60 -23.22
CA SER A 96 7.57 -20.99 -23.28
C SER A 96 6.68 -20.16 -22.35
N GLY A 97 7.28 -19.27 -21.58
CA GLY A 97 6.55 -18.23 -20.86
C GLY A 97 6.54 -18.31 -19.34
N ALA A 98 7.33 -19.21 -18.76
CA ALA A 98 7.29 -19.45 -17.32
C ALA A 98 7.79 -18.26 -16.52
N SER A 99 7.21 -18.08 -15.33
CA SER A 99 7.53 -16.97 -14.45
C SER A 99 8.71 -17.29 -13.55
N ASP A 100 8.83 -18.56 -13.14
CA ASP A 100 9.94 -18.98 -12.29
C ASP A 100 10.02 -20.50 -12.23
N PHE A 101 10.90 -21.02 -11.38
CA PHE A 101 11.17 -22.44 -11.32
C PHE A 101 11.29 -23.00 -9.92
N LEU A 102 11.16 -24.32 -9.84
CA LEU A 102 11.35 -25.10 -8.63
C LEU A 102 12.00 -26.40 -9.05
N THR A 103 12.92 -26.90 -8.23
CA THR A 103 13.69 -28.10 -8.54
C THR A 103 13.25 -29.27 -7.69
N LYS A 104 13.04 -30.43 -8.33
CA LYS A 104 12.80 -31.68 -7.59
C LYS A 104 14.15 -32.26 -7.14
N PRO A 105 14.21 -32.88 -5.96
CA PRO A 105 13.06 -33.02 -5.05
C PRO A 105 12.77 -31.67 -4.36
N ILE A 106 11.50 -31.40 -4.10
CA ILE A 106 11.08 -30.06 -3.73
C ILE A 106 11.47 -29.69 -2.31
N ASP A 107 12.12 -28.53 -2.20
CA ASP A 107 12.50 -27.93 -0.94
C ASP A 107 11.35 -27.04 -0.47
N ASP A 108 10.85 -27.33 0.73
CA ASP A 108 9.71 -26.62 1.29
C ASP A 108 9.96 -25.11 1.42
N VAL A 109 11.15 -24.72 1.84
CA VAL A 109 11.44 -23.30 1.97
C VAL A 109 11.43 -22.62 0.60
N MET A 110 12.01 -23.25 -0.41
CA MET A 110 11.93 -22.69 -1.77
C MET A 110 10.46 -22.63 -2.21
N LEU A 111 9.74 -23.74 -2.03
CA LEU A 111 8.34 -23.80 -2.42
C LEU A 111 7.60 -22.56 -1.95
N PHE A 112 7.64 -22.27 -0.65
CA PHE A 112 6.84 -21.20 -0.10
C PHE A 112 7.42 -19.82 -0.37
N ALA A 113 8.73 -19.73 -0.47
CA ALA A 113 9.35 -18.49 -0.88
C ALA A 113 8.80 -18.12 -2.27
N ARG A 114 8.76 -19.11 -3.14
CA ARG A 114 8.27 -18.90 -4.49
C ARG A 114 6.79 -18.55 -4.60
N VAL A 115 5.96 -19.22 -3.81
CA VAL A 115 4.53 -18.98 -3.84
C VAL A 115 4.22 -17.60 -3.26
N ARG A 116 4.86 -17.25 -2.14
CA ARG A 116 4.62 -15.96 -1.52
C ARG A 116 5.02 -14.83 -2.45
N SER A 117 6.18 -14.96 -3.07
CA SER A 117 6.66 -13.96 -4.00
C SER A 117 5.67 -13.69 -5.13
N LEU A 118 5.23 -14.76 -5.82
CA LEU A 118 4.37 -14.63 -6.99
C LEU A 118 2.93 -14.28 -6.62
N THR A 119 2.52 -14.68 -5.43
CA THR A 119 1.25 -14.26 -4.85
C THR A 119 1.19 -12.74 -4.70
N ARG A 120 2.24 -12.20 -4.11
CA ARG A 120 2.37 -10.76 -3.91
C ARG A 120 2.34 -10.04 -5.25
N PHE A 121 3.02 -10.61 -6.24
CA PHE A 121 3.00 -10.07 -7.60
C PHE A 121 1.61 -10.15 -8.23
N LYS A 122 0.88 -11.23 -7.95
CA LYS A 122 -0.45 -11.44 -8.50
C LYS A 122 -1.44 -10.36 -8.03
N LEU A 123 -1.29 -9.90 -6.79
CA LEU A 123 -2.11 -8.80 -6.28
C LEU A 123 -2.06 -7.59 -7.18
N VAL A 124 -0.84 -7.18 -7.55
CA VAL A 124 -0.66 -5.99 -8.39
C VAL A 124 -1.06 -6.24 -9.84
N ILE A 125 -0.84 -7.46 -10.35
CA ILE A 125 -1.32 -7.84 -11.68
C ILE A 125 -2.82 -7.64 -11.79
N ASP A 126 -3.55 -8.14 -10.80
CA ASP A 126 -5.00 -8.01 -10.76
C ASP A 126 -5.47 -6.58 -10.66
N GLU A 127 -4.79 -5.79 -9.84
CA GLU A 127 -5.13 -4.39 -9.65
C GLU A 127 -4.95 -3.62 -10.96
N LEU A 128 -3.82 -3.83 -11.63
CA LEU A 128 -3.58 -3.17 -12.92
C LEU A 128 -4.60 -3.57 -13.97
N ARG A 129 -4.98 -4.86 -13.99
CA ARG A 129 -6.01 -5.34 -14.92
C ARG A 129 -7.37 -4.69 -14.68
N GLN A 130 -7.70 -4.41 -13.42
CA GLN A 130 -8.95 -3.69 -13.09
C GLN A 130 -8.97 -2.29 -13.68
N ARG A 131 -7.86 -1.57 -13.55
CA ARG A 131 -7.74 -0.22 -14.13
C ARG A 131 -8.03 -0.28 -15.63
N GLU A 132 -7.24 -1.09 -16.33
CA GLU A 132 -7.36 -1.23 -17.79
C GLU A 132 -8.77 -1.62 -18.24
N ALA A 133 -9.52 -2.30 -17.37
CA ALA A 133 -10.93 -2.63 -17.65
C ALA A 133 -11.89 -1.43 -17.55
N SER A 134 -11.38 -0.23 -17.26
CA SER A 134 -12.20 1.00 -17.19
C SER A 134 -12.14 1.82 -18.49
N GLY A 135 -10.92 2.06 -18.98
CA GLY A 135 -10.71 2.83 -20.22
C GLY A 135 -11.36 2.21 -21.45
N ARG A 136 -11.51 2.66 -21.92
CA ARG A 136 -11.75 2.56 -23.35
C ARG A 136 -11.87 4.00 -23.72
N ARG A 137 -12.56 4.76 -22.90
CA ARG A 137 -12.73 6.17 -23.13
C ARG A 137 -11.41 6.84 -23.35
N MET A 138 -10.47 6.96 -22.43
CA MET A 138 -9.32 7.57 -23.09
C MET A 138 -8.01 6.84 -22.81
N GLY A 139 -8.18 5.57 -22.53
CA GLY A 139 -7.06 4.67 -22.23
C GLY A 139 -5.85 5.46 -21.80
N VAL A 140 -6.09 6.33 -20.80
CA VAL A 140 -5.17 7.30 -20.19
C VAL A 140 -4.56 8.22 -21.26
N ILE A 141 -5.26 8.48 -22.36
CA ILE A 141 -4.58 9.35 -23.33
C ILE A 141 -3.95 10.52 -22.60
N ALA A 142 -4.18 10.64 -21.29
CA ALA A 142 -3.64 11.78 -20.54
C ALA A 142 -2.32 11.42 -19.88
N GLY A 143 -1.73 10.39 -20.41
CA GLY A 143 -0.48 9.89 -19.90
C GLY A 143 0.27 8.99 -20.89
N ALA A 144 1.56 9.26 -20.87
CA ALA A 144 2.46 8.61 -21.74
C ALA A 144 3.90 8.73 -21.34
N ALA A 145 4.28 7.51 -21.40
CA ALA A 145 5.53 6.94 -21.12
C ALA A 145 5.25 5.98 -20.02
N ALA A 146 5.45 4.84 -20.52
CA ALA A 146 5.02 3.94 -19.45
C ALA A 146 5.58 2.52 -19.66
N ARG A 147 6.73 2.25 -19.06
CA ARG A 147 7.43 0.97 -19.26
C ARG A 147 7.03 -0.10 -18.24
N LEU A 148 6.55 -1.24 -18.72
CA LEU A 148 6.02 -2.28 -17.83
C LEU A 148 6.57 -3.69 -18.10
N ASP A 149 7.65 -3.78 -18.88
CA ASP A 149 8.50 -4.98 -18.93
C ASP A 149 9.08 -5.25 -17.56
N GLY A 150 9.76 -6.38 -17.44
CA GLY A 150 10.68 -6.60 -16.34
C GLY A 150 12.12 -6.33 -16.73
N LEU A 151 12.31 -5.74 -17.90
CA LEU A 151 13.61 -5.62 -18.56
C LEU A 151 14.16 -4.20 -18.49
N GLY A 152 15.45 -4.03 -18.80
CA GLY A 152 16.14 -2.76 -18.52
C GLY A 152 16.32 -2.77 -17.02
N GLY A 153 16.40 -1.63 -16.39
CA GLY A 153 16.39 -1.67 -14.93
C GLY A 153 17.75 -1.77 -14.26
N ARG A 154 17.93 -0.93 -13.25
CA ARG A 154 19.19 -0.76 -12.56
C ARG A 154 19.27 -1.69 -11.36
N VAL A 155 20.20 -2.63 -11.41
CA VAL A 155 20.29 -3.66 -10.41
C VAL A 155 21.56 -3.47 -9.60
N LEU A 156 21.40 -3.22 -8.32
CA LEU A 156 22.51 -2.99 -7.40
C LEU A 156 22.95 -4.31 -6.74
N ILE A 157 24.19 -4.74 -7.01
CA ILE A 157 24.70 -6.00 -6.48
C ILE A 157 25.59 -5.69 -5.31
N VAL A 158 25.16 -6.10 -4.12
CA VAL A 158 25.87 -5.80 -2.89
C VAL A 158 26.57 -7.05 -2.41
N ASP A 159 27.86 -7.17 -2.74
CA ASP A 159 28.62 -8.39 -2.52
C ASP A 159 30.11 -8.08 -2.47
N ASP A 160 30.82 -8.69 -1.52
CA ASP A 160 32.28 -8.52 -1.41
C ASP A 160 33.06 -9.68 -2.06
N ASN A 161 32.33 -10.68 -2.56
CA ASN A 161 32.87 -11.75 -3.38
C ASN A 161 32.98 -11.25 -4.83
N GLU A 162 34.14 -10.66 -5.13
CA GLU A 162 34.47 -10.07 -6.43
C GLU A 162 34.11 -10.97 -7.62
N ARG A 163 34.61 -12.19 -7.57
CA ARG A 163 34.38 -13.19 -8.61
C ARG A 163 32.89 -13.38 -8.91
N GLN A 164 32.10 -13.68 -7.88
CA GLN A 164 30.66 -13.93 -8.02
C GLN A 164 29.88 -12.68 -8.43
N ALA A 165 30.22 -11.54 -7.82
CA ALA A 165 29.55 -10.28 -8.14
C ALA A 165 29.67 -9.95 -9.61
N GLN A 166 30.86 -10.23 -10.12
CA GLN A 166 31.22 -9.92 -11.48
C GLN A 166 30.51 -10.86 -12.45
N ARG A 167 30.38 -12.13 -12.07
CA ARG A 167 29.62 -13.09 -12.87
C ARG A 167 28.13 -12.71 -12.92
N VAL A 168 27.56 -12.36 -11.77
CA VAL A 168 26.15 -11.97 -11.72
C VAL A 168 25.91 -10.73 -12.61
N ALA A 169 26.80 -9.75 -12.52
CA ALA A 169 26.73 -8.56 -13.38
C ALA A 169 26.75 -8.90 -14.88
N ALA A 170 27.62 -9.82 -15.27
CA ALA A 170 27.75 -10.23 -16.66
C ALA A 170 26.49 -10.95 -17.15
N GLU A 171 25.91 -11.77 -16.28
CA GLU A 171 24.67 -12.47 -16.64
C GLU A 171 23.52 -11.46 -16.84
N LEU A 172 23.35 -10.54 -15.90
CA LEU A 172 22.28 -9.55 -15.98
C LEU A 172 22.56 -8.42 -16.97
N GLY A 173 23.78 -8.35 -17.48
CA GLY A 173 24.20 -7.23 -18.32
C GLY A 173 23.64 -7.14 -19.72
N VAL A 174 23.07 -8.22 -20.22
CA VAL A 174 22.46 -8.21 -21.54
C VAL A 174 21.08 -7.55 -21.51
N GLU A 175 20.31 -7.85 -20.47
CA GLU A 175 18.94 -7.37 -20.33
C GLU A 175 18.74 -6.30 -19.26
N HIS A 176 19.78 -6.03 -18.46
CA HIS A 176 19.67 -5.03 -17.40
C HIS A 176 20.92 -4.16 -17.38
N ARG A 177 20.96 -3.26 -16.40
CA ARG A 177 22.04 -2.31 -16.21
C ARG A 177 22.59 -2.50 -14.80
N PRO A 178 23.44 -3.51 -14.58
CA PRO A 178 23.90 -3.81 -13.22
C PRO A 178 24.97 -2.84 -12.69
N VAL A 179 25.08 -2.78 -11.37
CA VAL A 179 26.03 -1.93 -10.67
C VAL A 179 26.50 -2.69 -9.43
N ILE A 180 27.80 -2.69 -9.16
CA ILE A 180 28.36 -3.43 -8.03
C ILE A 180 28.88 -2.52 -6.89
N GLU A 181 28.53 -2.87 -5.66
CA GLU A 181 29.05 -2.23 -4.45
C GLU A 181 29.55 -3.29 -3.49
N SER A 182 30.78 -3.16 -3.02
CA SER A 182 31.33 -4.09 -2.04
C SER A 182 31.37 -3.48 -0.63
N ASP A 183 31.29 -2.15 -0.54
CA ASP A 183 31.19 -1.45 0.75
C ASP A 183 29.69 -1.24 1.08
N PRO A 184 29.22 -1.81 2.20
CA PRO A 184 27.80 -1.70 2.56
C PRO A 184 27.35 -0.27 2.92
N GLU A 185 28.25 0.53 3.50
CA GLU A 185 27.90 1.92 3.77
C GLU A 185 27.70 2.72 2.47
N LYS A 186 28.58 2.51 1.49
CA LYS A 186 28.40 3.12 0.17
C LYS A 186 27.15 2.62 -0.53
N ALA A 187 26.84 1.32 -0.37
CA ALA A 187 25.64 0.73 -0.96
C ALA A 187 24.35 1.34 -0.43
N LYS A 188 24.35 1.72 0.85
CA LYS A 188 23.18 2.36 1.47
C LYS A 188 22.80 3.64 0.75
N ILE A 189 23.81 4.37 0.28
CA ILE A 189 23.59 5.63 -0.42
C ILE A 189 23.07 5.35 -1.83
N SER A 190 23.81 4.59 -2.61
CA SER A 190 23.35 4.16 -3.95
C SER A 190 21.92 3.68 -3.95
N ALA A 191 21.56 2.90 -2.94
CA ALA A 191 20.26 2.25 -2.88
C ALA A 191 19.08 3.22 -2.73
N GLY A 192 19.35 4.40 -2.19
CA GLY A 192 18.32 5.45 -2.10
C GLY A 192 18.17 6.25 -3.39
N GLY A 193 19.11 6.06 -4.32
CA GLY A 193 18.99 6.59 -5.68
C GLY A 193 18.11 5.69 -6.54
N PRO A 194 18.08 5.95 -7.85
CA PRO A 194 17.19 5.24 -8.76
C PRO A 194 17.62 3.78 -9.01
N VAL A 195 17.15 2.91 -8.13
CA VAL A 195 17.47 1.49 -8.17
C VAL A 195 16.17 0.73 -8.24
N ASP A 196 16.15 -0.31 -9.07
CA ASP A 196 14.96 -1.14 -9.28
C ASP A 196 14.98 -2.40 -8.45
N LEU A 197 16.17 -2.85 -8.09
CA LEU A 197 16.33 -4.09 -7.37
C LEU A 197 17.70 -4.13 -6.71
N VAL A 198 17.74 -4.64 -5.50
CA VAL A 198 18.99 -4.93 -4.80
C VAL A 198 19.19 -6.44 -4.75
N ILE A 199 20.37 -6.91 -5.11
CA ILE A 199 20.74 -8.33 -4.88
C ILE A 199 21.85 -8.34 -3.85
N VAL A 200 21.61 -8.99 -2.71
CA VAL A 200 22.55 -8.99 -1.59
C VAL A 200 23.11 -10.37 -1.32
N ASN A 201 24.40 -10.44 -1.06
CA ASN A 201 25.00 -11.69 -0.64
C ASN A 201 24.75 -11.89 0.86
N ALA A 202 23.93 -12.89 1.19
CA ALA A 202 23.63 -13.20 2.58
C ALA A 202 24.71 -14.02 3.23
N ALA A 203 25.73 -14.40 2.47
CA ALA A 203 26.85 -15.18 3.00
C ALA A 203 28.18 -14.45 2.85
N ALA A 204 28.14 -13.12 2.87
CA ALA A 204 29.35 -12.30 2.73
C ALA A 204 30.31 -12.44 3.92
N LYS A 205 31.57 -12.10 3.69
CA LYS A 205 32.62 -12.30 4.68
C LYS A 205 32.83 -11.09 5.56
N ASN A 206 32.65 -9.89 4.99
CA ASN A 206 32.99 -8.64 5.71
C ASN A 206 31.78 -7.83 6.21
N PHE A 207 30.57 -8.21 5.82
CA PHE A 207 29.38 -7.60 6.37
C PHE A 207 28.25 -8.61 6.46
N ASP A 208 27.26 -8.31 7.30
CA ASP A 208 26.05 -9.10 7.41
C ASP A 208 25.00 -8.55 6.42
N GLY A 209 24.78 -9.28 5.33
CA GLY A 209 23.81 -8.90 4.29
C GLY A 209 22.36 -8.87 4.75
N LEU A 210 22.04 -9.60 5.81
CA LEU A 210 20.71 -9.50 6.43
C LEU A 210 20.60 -8.22 7.27
N ARG A 211 21.64 -7.87 8.01
CA ARG A 211 21.66 -6.59 8.72
C ARG A 211 21.56 -5.41 7.75
N PHE A 212 22.10 -5.57 6.54
CA PHE A 212 22.01 -4.55 5.52
C PHE A 212 20.58 -4.45 4.99
N THR A 213 19.92 -5.59 4.81
CA THR A 213 18.53 -5.59 4.35
C THR A 213 17.61 -4.90 5.36
N ALA A 214 17.73 -5.29 6.64
CA ALA A 214 16.98 -4.66 7.74
C ALA A 214 17.16 -3.15 7.75
N ALA A 215 18.38 -2.70 7.47
CA ALA A 215 18.67 -1.27 7.38
C ALA A 215 17.85 -0.64 6.24
N LEU A 216 17.84 -1.27 5.07
CA LEU A 216 17.06 -0.77 3.94
C LEU A 216 15.60 -0.62 4.32
N ARG A 217 15.10 -1.60 5.07
CA ARG A 217 13.69 -1.65 5.48
C ARG A 217 13.28 -0.63 6.53
N SER A 218 14.24 -0.02 7.22
CA SER A 218 13.93 0.92 8.29
C SER A 218 14.05 2.41 7.90
N GLU A 219 14.25 2.68 6.61
CA GLU A 219 14.35 4.05 6.11
C GLU A 219 13.40 4.27 4.93
N GLU A 220 12.70 5.39 4.98
CA GLU A 220 11.65 5.73 4.00
C GLU A 220 12.09 5.50 2.54
N ARG A 221 13.26 6.00 2.19
CA ARG A 221 13.72 6.01 0.79
C ARG A 221 13.98 4.62 0.21
N THR A 222 14.24 3.62 1.06
CA THR A 222 14.57 2.26 0.60
C THR A 222 13.58 1.19 1.07
N ARG A 223 12.51 1.59 1.75
CA ARG A 223 11.63 0.63 2.40
C ARG A 223 10.89 -0.26 1.41
N GLN A 224 10.50 0.28 0.26
CA GLN A 224 9.74 -0.47 -0.77
C GLN A 224 10.63 -1.13 -1.82
N LEU A 225 11.94 -1.04 -1.63
CA LEU A 225 12.90 -1.51 -2.62
C LEU A 225 12.98 -3.04 -2.62
N PRO A 226 12.71 -3.69 -3.74
CA PRO A 226 12.84 -5.14 -3.84
C PRO A 226 14.26 -5.63 -3.52
N VAL A 227 14.35 -6.79 -2.89
CA VAL A 227 15.62 -7.37 -2.48
C VAL A 227 15.60 -8.87 -2.73
N LEU A 228 16.56 -9.35 -3.52
CA LEU A 228 16.86 -10.77 -3.63
C LEU A 228 18.11 -11.04 -2.82
N ALA A 229 18.10 -12.10 -2.03
CA ALA A 229 19.27 -12.52 -1.26
C ALA A 229 19.87 -13.79 -1.86
N MET A 230 21.19 -13.79 -2.03
CA MET A 230 21.91 -14.98 -2.45
C MET A 230 22.26 -15.74 -1.17
N VAL A 231 21.98 -17.04 -1.12
CA VAL A 231 22.16 -17.80 0.12
C VAL A 231 22.88 -19.14 -0.13
N ASP A 232 23.55 -19.63 0.90
CA ASP A 232 24.13 -20.97 0.87
C ASP A 232 23.02 -22.01 1.11
N PRO A 233 22.93 -23.02 0.25
CA PRO A 233 21.81 -23.97 0.31
C PRO A 233 21.89 -24.93 1.51
N ASP A 234 23.08 -25.06 2.08
CA ASP A 234 23.27 -25.88 3.29
C ASP A 234 22.85 -25.19 4.60
N ASP A 235 22.72 -23.86 4.61
CA ASP A 235 22.40 -23.11 5.83
C ASP A 235 20.92 -22.67 5.83
N ARG A 236 20.10 -23.52 6.45
CA ARG A 236 18.65 -23.44 6.30
C ARG A 236 18.04 -22.34 7.17
N GLY A 237 18.54 -22.20 8.39
CA GLY A 237 18.07 -21.16 9.30
C GLY A 237 18.28 -19.79 8.71
N ARG A 238 19.43 -19.60 8.08
CA ARG A 238 19.78 -18.37 7.41
C ARG A 238 18.81 -18.00 6.28
N MET A 239 18.36 -19.00 5.51
CA MET A 239 17.38 -18.77 4.45
C MET A 239 16.03 -18.36 5.03
N VAL A 240 15.63 -19.05 6.10
CA VAL A 240 14.41 -18.71 6.80
C VAL A 240 14.50 -17.28 7.35
N LYS A 241 15.60 -16.97 8.02
CA LYS A 241 15.79 -15.62 8.56
C LYS A 241 15.59 -14.55 7.50
N ALA A 242 16.25 -14.72 6.37
CA ALA A 242 16.21 -13.74 5.30
C ALA A 242 14.78 -13.41 4.86
N LEU A 243 13.97 -14.46 4.72
CA LEU A 243 12.56 -14.29 4.35
C LEU A 243 11.74 -13.61 5.45
N GLU A 244 12.00 -13.93 6.72
CA GLU A 244 11.37 -13.24 7.87
C GLU A 244 11.68 -11.74 7.95
N ILE A 245 12.87 -11.35 7.47
CA ILE A 245 13.37 -9.98 7.58
C ILE A 245 12.85 -9.07 6.45
N GLY A 246 12.17 -9.67 5.47
CA GLY A 246 11.63 -8.92 4.34
C GLY A 246 12.41 -9.05 3.04
N VAL A 247 13.23 -10.09 2.89
CA VAL A 247 13.80 -10.40 1.59
C VAL A 247 12.64 -10.91 0.74
N ASN A 248 12.53 -10.42 -0.48
CA ASN A 248 11.41 -10.76 -1.35
C ASN A 248 11.49 -12.19 -1.87
N ASP A 249 12.69 -12.62 -2.23
CA ASP A 249 12.92 -13.99 -2.66
C ASP A 249 14.40 -14.31 -2.55
N ILE A 250 14.76 -15.58 -2.67
CA ILE A 250 16.13 -16.01 -2.46
C ILE A 250 16.67 -16.78 -3.67
N LEU A 251 17.98 -16.62 -3.88
CA LEU A 251 18.71 -17.32 -4.95
C LEU A 251 19.74 -18.23 -4.35
N SER A 252 19.57 -19.52 -4.54
CA SER A 252 20.53 -20.48 -4.05
C SER A 252 21.84 -20.41 -4.84
N ARG A 253 22.96 -20.63 -4.15
CA ARG A 253 24.26 -20.67 -4.81
C ARG A 253 24.62 -22.13 -5.09
N PRO A 254 25.39 -22.38 -6.15
CA PRO A 254 25.83 -21.36 -7.12
C PRO A 254 24.65 -20.83 -7.93
N ILE A 255 24.76 -19.58 -8.34
CA ILE A 255 23.64 -18.88 -8.97
C ILE A 255 23.35 -19.37 -10.39
N ASP A 256 22.14 -19.85 -10.58
CA ASP A 256 21.72 -20.34 -11.88
C ASP A 256 21.27 -19.18 -12.78
N PRO A 257 21.87 -19.06 -13.96
CA PRO A 257 21.55 -17.94 -14.86
C PRO A 257 20.05 -17.80 -15.18
N GLN A 258 19.37 -18.91 -15.41
CA GLN A 258 17.94 -18.89 -15.75
C GLN A 258 17.05 -18.55 -14.54
N GLU A 259 17.36 -19.09 -13.36
CA GLU A 259 16.70 -18.68 -12.12
C GLU A 259 16.91 -17.19 -11.85
N LEU A 260 18.14 -16.74 -12.03
CA LEU A 260 18.49 -15.34 -11.80
C LEU A 260 17.66 -14.45 -12.72
N SER A 261 17.66 -14.76 -14.01
CA SER A 261 16.91 -14.00 -15.02
C SER A 261 15.42 -13.90 -14.67
N ALA A 262 14.87 -15.01 -14.18
CA ALA A 262 13.47 -15.11 -13.84
C ALA A 262 13.10 -14.35 -12.58
N ARG A 263 13.81 -14.53 -11.47
CA ARG A 263 13.45 -13.84 -10.22
C ARG A 263 13.58 -12.35 -10.38
N VAL A 264 14.63 -11.94 -11.09
CA VAL A 264 14.88 -10.54 -11.36
C VAL A 264 13.76 -9.89 -12.17
N LYS A 265 13.35 -10.49 -13.29
CA LYS A 265 12.18 -10.00 -14.04
C LYS A 265 10.95 -9.83 -13.14
N THR A 266 10.69 -10.83 -12.30
CA THR A 266 9.53 -10.81 -11.43
C THR A 266 9.54 -9.55 -10.59
N GLN A 267 10.62 -9.36 -9.84
CA GLN A 267 10.70 -8.28 -8.87
C GLN A 267 10.67 -6.91 -9.54
N ILE A 268 11.36 -6.76 -10.67
CA ILE A 268 11.34 -5.50 -11.38
C ILE A 268 9.92 -5.19 -11.93
N GLN A 269 9.28 -6.19 -12.54
CA GLN A 269 7.89 -6.01 -12.99
C GLN A 269 6.93 -5.66 -11.84
N ARG A 270 7.08 -6.32 -10.69
CA ARG A 270 6.21 -6.02 -9.56
C ARG A 270 6.36 -4.57 -9.16
N LYS A 271 7.61 -4.12 -9.07
CA LYS A 271 7.91 -2.74 -8.72
C LYS A 271 7.28 -1.77 -9.72
N ARG A 272 7.45 -2.03 -11.01
CA ARG A 272 6.97 -1.07 -12.01
C ARG A 272 5.46 -0.94 -12.06
N TYR A 273 4.78 -2.09 -11.97
CA TYR A 273 3.31 -2.11 -11.84
C TYR A 273 2.93 -1.32 -10.60
N THR A 274 3.58 -1.61 -9.47
CA THR A 274 3.27 -0.91 -8.22
C THR A 274 3.40 0.59 -8.38
N ASP A 275 4.53 1.03 -8.93
CA ASP A 275 4.79 2.45 -9.15
C ASP A 275 3.75 3.07 -10.07
N TYR A 276 3.45 2.39 -11.17
CA TYR A 276 2.49 2.86 -12.15
C TYR A 276 1.12 3.11 -11.54
N LEU A 277 0.73 2.22 -10.62
CA LEU A 277 -0.50 2.38 -9.89
C LEU A 277 -0.43 3.58 -8.95
N ARG A 278 0.59 3.64 -8.10
CA ARG A 278 0.76 4.79 -7.20
C ARG A 278 0.59 6.11 -7.93
N ASN A 279 1.13 6.23 -9.13
CA ASN A 279 1.07 7.46 -9.92
C ASN A 279 -0.26 7.50 -10.71
N ASN A 280 -0.22 7.71 -12.02
CA ASN A 280 -1.47 7.75 -12.82
C ASN A 280 -2.58 8.55 -12.13
N LEU A 281 -2.77 7.98 -11.60
CA LEU A 281 -4.14 7.82 -11.10
C LEU A 281 -4.47 9.01 -10.18
N ASP A 282 -5.12 10.00 -10.80
CA ASP A 282 -5.50 11.21 -10.08
C ASP A 282 -4.26 12.09 -9.86
N HIS A 283 -4.45 12.96 -8.65
CA HIS A 283 -3.54 14.10 -8.44
C HIS A 283 -3.19 14.35 -6.97
N SER A 284 -2.17 15.19 -6.72
CA SER A 284 -1.79 15.63 -5.33
C SER A 284 -0.43 16.34 -5.20
N LEU A 285 -0.21 17.07 -4.09
CA LEU A 285 0.92 17.93 -3.76
C LEU A 285 2.28 17.29 -3.70
N GLU A 286 2.69 17.29 -2.46
CA GLU A 286 3.99 16.79 -2.03
C GLU A 286 4.14 15.34 -2.19
N LEU A 287 2.99 14.78 -2.47
CA LEU A 287 2.76 13.34 -2.59
C LEU A 287 3.45 12.81 -3.80
N ALA A 288 3.34 13.73 -4.63
CA ALA A 288 3.24 13.56 -6.09
C ALA A 288 4.64 13.49 -6.70
N VAL A 289 4.85 12.54 -7.61
CA VAL A 289 6.18 12.30 -8.19
C VAL A 289 6.27 12.33 -9.72
N THR A 290 5.15 12.43 -10.42
CA THR A 290 5.18 12.61 -11.88
C THR A 290 4.53 13.92 -12.30
N ASP A 291 4.85 14.35 -13.52
CA ASP A 291 4.24 15.52 -14.13
C ASP A 291 2.96 15.07 -14.86
N GLN A 292 1.85 15.78 -14.59
CA GLN A 292 0.54 15.40 -15.14
C GLN A 292 0.52 15.43 -16.67
N LEU A 293 0.98 16.53 -17.25
CA LEU A 293 0.96 16.73 -18.70
C LEU A 293 1.81 15.76 -19.49
N THR A 294 3.08 15.58 -19.10
CA THR A 294 4.04 14.80 -19.90
C THR A 294 4.18 13.35 -19.48
N GLY A 295 3.91 13.06 -18.20
CA GLY A 295 4.16 11.75 -17.64
C GLY A 295 5.64 11.50 -17.39
N LEU A 296 6.44 12.56 -17.31
CA LEU A 296 7.81 12.45 -16.87
C LEU A 296 7.83 12.63 -15.37
N HIS A 297 9.01 12.48 -14.78
CA HIS A 297 9.19 12.68 -13.35
C HIS A 297 9.09 14.16 -12.99
N ASN A 298 8.71 14.42 -11.73
CA ASN A 298 8.74 15.77 -11.12
C ASN A 298 10.15 16.32 -10.98
N ARG A 299 10.26 17.60 -10.69
CA ARG A 299 11.51 18.15 -10.18
C ARG A 299 11.76 17.64 -8.76
N ARG A 300 10.70 17.69 -7.94
CA ARG A 300 10.74 17.19 -6.55
C ARG A 300 11.37 15.80 -6.48
N TYR A 301 10.85 14.89 -7.29
CA TYR A 301 11.34 13.51 -7.33
C TYR A 301 12.78 13.44 -7.80
N MET A 302 13.10 14.25 -8.81
CA MET A 302 14.43 14.25 -9.42
C MET A 302 15.51 14.71 -8.46
N THR A 303 15.29 15.84 -7.78
CA THR A 303 16.27 16.36 -6.84
C THR A 303 16.52 15.38 -5.67
N GLY A 304 15.47 14.69 -5.24
CA GLY A 304 15.64 13.61 -4.27
C GLY A 304 16.63 12.58 -4.78
N GLN A 305 16.38 12.06 -5.97
CA GLN A 305 17.24 11.03 -6.57
C GLN A 305 18.65 11.54 -6.87
N LEU A 306 18.76 12.80 -7.29
CA LEU A 306 20.03 13.40 -7.67
C LEU A 306 20.90 13.62 -6.44
N ASP A 307 20.26 13.85 -5.29
CA ASP A 307 20.96 14.02 -4.03
C ASP A 307 21.80 12.77 -3.71
N SER A 308 21.18 11.60 -3.77
CA SER A 308 21.86 10.34 -3.49
C SER A 308 22.93 10.05 -4.54
N LEU A 309 22.59 10.22 -5.81
CA LEU A 309 23.55 9.99 -6.88
C LEU A 309 24.85 10.81 -6.75
N VAL A 310 24.72 12.11 -6.44
CA VAL A 310 25.90 12.97 -6.32
C VAL A 310 26.70 12.65 -5.06
N LYS A 311 25.99 12.34 -3.98
CA LYS A 311 26.62 11.93 -2.74
C LYS A 311 27.48 10.68 -2.95
N ARG A 312 26.96 9.70 -3.70
CA ARG A 312 27.70 8.48 -4.01
C ARG A 312 28.92 8.78 -4.87
N ALA A 313 28.78 9.69 -5.82
CA ALA A 313 29.91 10.03 -6.70
C ALA A 313 31.06 10.75 -5.98
N THR A 314 30.75 11.51 -4.92
CA THR A 314 31.80 12.23 -4.16
C THR A 314 32.63 11.32 -3.25
N LEU A 315 32.15 10.10 -3.01
CA LEU A 315 32.92 9.09 -2.26
C LEU A 315 33.69 8.15 -3.20
N GLY A 316 34.21 8.69 -4.30
CA GLY A 316 34.80 7.85 -5.36
C GLY A 316 33.74 7.17 -6.20
N GLY A 317 34.17 6.36 -7.16
CA GLY A 317 33.23 5.64 -8.02
C GLY A 317 32.64 6.50 -9.13
N ASP A 318 31.74 5.90 -9.91
CA ASP A 318 31.34 6.49 -11.20
C ASP A 318 30.64 7.86 -11.08
N PRO A 319 30.87 8.72 -12.06
CA PRO A 319 30.24 10.03 -12.10
C PRO A 319 28.79 9.98 -12.59
N VAL A 320 28.05 11.05 -12.27
CA VAL A 320 26.69 11.27 -12.77
C VAL A 320 26.74 12.39 -13.78
N SER A 321 25.95 12.25 -14.84
CA SER A 321 25.82 13.32 -15.83
C SER A 321 24.42 13.91 -15.82
N ALA A 322 24.33 15.17 -16.22
CA ALA A 322 23.07 15.89 -16.22
C ALA A 322 22.91 16.64 -17.54
N LEU A 323 21.72 16.51 -18.13
CA LEU A 323 21.36 17.27 -19.33
C LEU A 323 20.31 18.29 -18.94
N LEU A 324 20.45 19.50 -19.44
CA LEU A 324 19.42 20.51 -19.28
C LEU A 324 18.98 20.89 -20.69
N ILE A 325 17.75 20.54 -21.04
CA ILE A 325 17.20 20.77 -22.36
C ILE A 325 16.29 21.97 -22.29
N ASP A 326 16.41 22.85 -23.28
CA ASP A 326 15.41 23.89 -23.47
C ASP A 326 14.92 23.82 -24.91
N ILE A 327 13.59 23.81 -25.07
CA ILE A 327 12.99 23.84 -26.40
C ILE A 327 13.11 25.26 -26.96
N ASP A 328 13.63 25.37 -28.18
CA ASP A 328 13.91 26.68 -28.77
C ASP A 328 12.63 27.44 -29.10
N PHE A 329 12.62 28.73 -28.76
CA PHE A 329 11.48 29.62 -29.05
C PHE A 329 10.14 29.04 -28.60
N PHE A 330 10.12 28.40 -27.44
CA PHE A 330 8.88 27.76 -26.99
C PHE A 330 7.81 28.76 -26.58
N LYS A 331 8.21 29.83 -25.90
CA LYS A 331 7.26 30.89 -25.53
C LYS A 331 6.63 31.50 -26.79
N LYS A 332 7.42 31.66 -27.84
CA LYS A 332 6.94 32.18 -29.13
C LYS A 332 5.94 31.22 -29.79
N ILE A 333 6.02 29.92 -29.48
CA ILE A 333 5.03 28.94 -29.93
C ILE A 333 3.71 29.09 -29.18
N ASN A 334 3.79 29.34 -27.89
CA ASN A 334 2.59 29.57 -27.07
C ASN A 334 1.83 30.84 -27.46
N ASP A 335 2.49 31.79 -28.14
CA ASP A 335 1.85 33.04 -28.56
C ASP A 335 1.24 32.96 -29.95
N THR A 336 2.07 32.65 -30.95
CA THR A 336 1.62 32.64 -32.35
C THR A 336 0.74 31.43 -32.66
N PHE A 337 0.92 30.33 -31.93
CA PHE A 337 -0.04 29.22 -31.90
C PHE A 337 -0.63 29.17 -30.49
N GLY A 338 -1.60 28.28 -30.26
CA GLY A 338 -2.27 28.22 -28.96
C GLY A 338 -1.46 27.58 -27.85
N HIS A 339 -1.96 27.65 -26.62
CA HIS A 339 -1.42 26.86 -25.50
C HIS A 339 -1.75 25.38 -25.65
N ASP A 340 -2.82 25.07 -26.37
CA ASP A 340 -3.17 23.67 -26.67
C ASP A 340 -2.16 23.05 -27.65
N ILE A 341 -1.72 23.85 -28.62
CA ILE A 341 -0.62 23.45 -29.50
C ILE A 341 0.66 23.29 -28.69
N GLY A 342 0.86 24.18 -27.72
CA GLY A 342 2.02 24.10 -26.82
C GLY A 342 2.09 22.80 -26.05
N ASP A 343 0.94 22.34 -25.55
CA ASP A 343 0.86 21.05 -24.85
C ASP A 343 1.25 19.90 -25.75
N GLU A 344 0.73 19.93 -26.98
CA GLU A 344 1.05 18.91 -27.97
C GLU A 344 2.55 18.80 -28.19
N VAL A 345 3.23 19.94 -28.29
CA VAL A 345 4.68 19.98 -28.46
C VAL A 345 5.39 19.43 -27.23
N LEU A 346 4.96 19.85 -26.04
CA LEU A 346 5.55 19.36 -24.79
C LEU A 346 5.40 17.84 -24.64
N ARG A 347 4.22 17.30 -24.96
CA ARG A 347 3.98 15.86 -24.89
C ARG A 347 4.82 15.09 -25.90
N GLU A 348 4.87 15.59 -27.13
CA GLU A 348 5.66 14.95 -28.17
C GLU A 348 7.14 14.92 -27.82
N PHE A 349 7.64 16.02 -27.28
CA PHE A 349 9.03 16.08 -26.88
C PHE A 349 9.33 15.08 -25.78
N ALA A 350 8.46 15.04 -24.78
CA ALA A 350 8.60 14.11 -23.65
C ALA A 350 8.66 12.65 -24.11
N LEU A 351 7.89 12.34 -25.14
CA LEU A 351 7.84 11.00 -25.69
C LEU A 351 9.15 10.65 -26.39
N ARG A 352 9.62 11.53 -27.28
CA ARG A 352 10.88 11.29 -27.99
C ARG A 352 12.06 11.24 -27.02
N LEU A 353 12.07 12.14 -26.05
CA LEU A 353 13.12 12.17 -25.04
C LEU A 353 13.21 10.82 -24.32
N ALA A 354 12.10 10.40 -23.71
CA ALA A 354 12.06 9.17 -22.93
C ALA A 354 12.34 7.91 -23.77
N SER A 355 11.97 7.96 -25.05
CA SER A 355 12.25 6.87 -25.99
C SER A 355 13.74 6.69 -26.25
N ASN A 356 14.51 7.77 -26.26
CA ASN A 356 15.90 7.72 -26.73
C ASN A 356 16.92 7.81 -25.63
N VAL A 357 16.46 7.61 -24.41
CA VAL A 357 17.28 7.65 -23.23
C VAL A 357 16.91 6.40 -22.44
N ARG A 358 17.81 5.92 -21.59
CA ARG A 358 17.56 4.65 -20.90
C ARG A 358 16.44 4.77 -19.87
N ALA A 359 15.78 3.65 -19.61
CA ALA A 359 14.78 3.55 -18.53
C ALA A 359 15.40 3.87 -17.15
N ILE A 360 16.68 3.54 -16.95
CA ILE A 360 17.36 3.85 -15.69
C ILE A 360 17.78 5.32 -15.57
N ASP A 361 17.68 6.10 -16.64
CA ASP A 361 17.91 7.53 -16.55
C ASP A 361 16.64 8.17 -16.03
N LEU A 362 16.73 9.46 -15.74
CA LEU A 362 15.63 10.20 -15.13
C LEU A 362 15.32 11.42 -15.97
N PRO A 363 14.45 11.28 -16.97
CA PRO A 363 13.97 12.45 -17.71
C PRO A 363 12.87 13.17 -16.92
N CYS A 364 12.99 14.49 -16.76
CA CYS A 364 12.07 15.27 -15.91
C CYS A 364 11.59 16.55 -16.51
N ARG A 365 10.35 16.89 -16.19
CA ARG A 365 9.85 18.23 -16.36
C ARG A 365 10.49 19.02 -15.22
N TYR A 366 11.57 19.73 -15.55
CA TYR A 366 12.34 20.47 -14.55
C TYR A 366 11.65 21.78 -14.24
N GLY A 367 11.09 22.40 -15.28
CA GLY A 367 10.24 23.58 -15.13
C GLY A 367 9.13 23.55 -16.16
N GLY A 368 8.47 24.69 -16.34
CA GLY A 368 7.38 24.80 -17.29
C GLY A 368 7.77 24.42 -18.71
N GLU A 369 8.92 24.92 -19.15
CA GLU A 369 9.40 24.74 -20.52
C GLU A 369 10.75 24.01 -20.64
N GLU A 370 11.42 23.79 -19.50
CA GLU A 370 12.75 23.16 -19.50
C GLU A 370 12.70 21.74 -18.96
N PHE A 371 13.54 20.87 -19.53
CA PHE A 371 13.58 19.47 -19.15
C PHE A 371 14.98 19.09 -18.72
N VAL A 372 15.09 18.11 -17.84
CA VAL A 372 16.38 17.63 -17.37
C VAL A 372 16.48 16.12 -17.48
N VAL A 373 17.63 15.60 -17.88
CA VAL A 373 17.90 14.17 -17.82
C VAL A 373 19.12 13.91 -16.93
N ILE A 374 18.89 13.19 -15.82
CA ILE A 374 19.99 12.70 -14.99
C ILE A 374 20.33 11.29 -15.46
N MET A 375 21.63 11.04 -15.63
CA MET A 375 22.11 9.78 -16.14
C MET A 375 23.17 9.20 -15.19
N PRO A 376 22.76 8.19 -14.41
CA PRO A 376 23.69 7.47 -13.54
C PRO A 376 24.88 6.85 -14.26
N ASP A 377 26.02 6.80 -13.59
CA ASP A 377 27.19 6.07 -14.06
C ASP A 377 27.58 6.45 -15.49
N THR A 378 27.63 7.74 -15.75
CA THR A 378 27.89 8.26 -17.09
C THR A 378 28.91 9.38 -17.00
N ALA A 379 29.93 9.31 -17.84
CA ALA A 379 30.97 10.35 -17.93
C ALA A 379 30.58 11.43 -18.95
N LEU A 380 31.11 12.63 -18.75
CA LEU A 380 30.85 13.76 -19.64
C LEU A 380 30.95 13.40 -21.12
N ALA A 381 32.04 12.72 -21.51
CA ALA A 381 32.27 12.38 -22.91
C ALA A 381 31.10 11.57 -23.51
N ASP A 382 30.51 10.69 -22.71
CA ASP A 382 29.34 9.92 -23.15
C ASP A 382 28.06 10.76 -23.16
N ALA A 383 27.91 11.64 -22.18
CA ALA A 383 26.72 12.48 -22.08
C ALA A 383 26.59 13.46 -23.25
N LEU A 384 27.71 13.97 -23.75
CA LEU A 384 27.71 14.82 -24.95
C LEU A 384 27.13 14.06 -26.14
N ARG A 385 27.57 12.83 -26.31
CA ARG A 385 27.13 11.96 -27.39
C ARG A 385 25.63 11.65 -27.28
N ILE A 386 25.14 11.42 -26.06
CA ILE A 386 23.71 11.16 -25.82
C ILE A 386 22.88 12.39 -26.15
N ALA A 387 23.40 13.56 -25.79
CA ALA A 387 22.72 14.82 -26.06
C ALA A 387 22.58 15.03 -27.56
N GLU A 388 23.63 14.72 -28.31
CA GLU A 388 23.58 14.82 -29.78
C GLU A 388 22.52 13.86 -30.35
N ARG A 389 22.41 12.69 -29.74
CA ARG A 389 21.40 11.71 -30.14
C ARG A 389 19.98 12.25 -29.94
N ILE A 390 19.75 12.87 -28.79
CA ILE A 390 18.44 13.47 -28.51
C ILE A 390 18.19 14.62 -29.48
N ARG A 391 19.21 15.45 -29.69
CA ARG A 391 19.11 16.62 -30.56
C ARG A 391 18.67 16.26 -31.99
N MET A 392 19.22 15.16 -32.51
CA MET A 392 18.89 14.71 -33.86
C MET A 392 17.45 14.18 -33.98
N HIS A 393 16.99 13.44 -32.98
CA HIS A 393 15.64 12.89 -33.03
C HIS A 393 14.55 13.95 -33.01
N VAL A 394 14.78 15.05 -32.29
CA VAL A 394 13.81 16.14 -32.28
C VAL A 394 13.89 17.00 -33.54
N SER A 395 15.11 17.33 -33.98
CA SER A 395 15.30 18.18 -35.18
C SER A 395 15.11 17.41 -36.47
N GLY A 396 15.30 16.10 -36.43
CA GLY A 396 15.24 15.26 -37.63
C GLY A 396 13.85 14.91 -38.12
N SER A 397 12.81 15.36 -37.42
CA SER A 397 11.43 15.00 -37.76
C SER A 397 10.46 16.07 -37.28
N PRO A 398 9.58 16.58 -38.14
CA PRO A 398 8.61 17.59 -37.72
C PRO A 398 7.60 17.05 -36.70
N PHE A 399 7.13 17.93 -35.81
CA PHE A 399 6.12 17.59 -34.81
C PHE A 399 4.72 17.71 -35.42
N THR A 400 3.79 16.92 -34.93
CA THR A 400 2.39 16.99 -35.35
C THR A 400 1.59 17.87 -34.40
N VAL A 401 1.38 19.13 -34.79
CA VAL A 401 0.66 20.08 -33.95
C VAL A 401 -0.86 19.91 -34.11
N ALA A 402 -1.51 20.89 -34.74
CA ALA A 402 -2.98 21.03 -34.74
C ALA A 402 -3.74 19.73 -35.00
N HIS A 403 -4.03 19.01 -33.92
CA HIS A 403 -4.74 17.73 -33.96
C HIS A 403 -4.69 17.05 -35.34
N GLY A 404 -3.48 16.68 -35.74
CA GLY A 404 -3.25 15.92 -36.98
C GLY A 404 -3.05 16.73 -38.25
N ARG A 405 -3.53 17.97 -38.29
CA ARG A 405 -3.61 18.71 -39.55
C ARG A 405 -2.42 19.62 -39.87
N GLU A 406 -1.42 19.70 -38.98
CA GLU A 406 -0.25 20.55 -39.25
C GLU A 406 1.07 19.96 -38.73
N MET A 407 2.15 20.31 -39.43
CA MET A 407 3.51 19.90 -39.08
C MET A 407 4.23 21.11 -38.51
N LEU A 408 5.19 20.86 -37.61
CA LEU A 408 5.92 21.94 -36.96
C LEU A 408 7.36 21.54 -36.64
N ASN A 409 8.32 22.27 -37.20
CA ASN A 409 9.74 22.01 -36.94
C ASN A 409 10.14 22.55 -35.59
N VAL A 410 10.89 21.74 -34.85
CA VAL A 410 11.30 22.06 -33.48
C VAL A 410 12.77 21.72 -33.31
N THR A 411 13.51 22.58 -32.61
CA THR A 411 14.91 22.33 -32.25
C THR A 411 15.12 22.59 -30.77
N ILE A 412 16.19 22.03 -30.21
CA ILE A 412 16.51 22.22 -28.80
C ILE A 412 17.96 22.62 -28.59
N SER A 413 18.21 23.34 -27.50
CA SER A 413 19.56 23.60 -27.00
C SER A 413 19.76 22.72 -25.78
N ILE A 414 20.95 22.14 -25.67
CA ILE A 414 21.28 21.25 -24.55
C ILE A 414 22.57 21.68 -23.89
N GLY A 415 22.55 21.74 -22.55
CA GLY A 415 23.75 21.93 -21.75
C GLY A 415 24.06 20.65 -21.02
N VAL A 416 25.34 20.32 -20.89
CA VAL A 416 25.76 19.03 -20.35
C VAL A 416 26.85 19.19 -19.30
N SER A 417 26.79 18.36 -18.26
CA SER A 417 27.87 18.31 -17.28
C SER A 417 27.90 16.99 -16.54
N ALA A 418 28.97 16.77 -15.79
CA ALA A 418 29.17 15.56 -15.01
C ALA A 418 29.80 15.88 -13.66
N THR A 419 29.59 15.02 -12.66
CA THR A 419 30.18 15.27 -11.34
C THR A 419 31.69 15.18 -11.37
N ALA A 420 32.32 15.74 -10.34
CA ALA A 420 33.78 15.87 -10.31
C ALA A 420 34.33 15.90 -8.88
N GLY A 421 34.45 14.72 -8.28
CA GLY A 421 35.21 14.58 -7.05
C GLY A 421 34.49 14.93 -5.77
N GLU A 422 35.28 15.20 -4.73
CA GLU A 422 34.80 15.19 -3.35
C GLU A 422 33.97 16.42 -2.98
N GLY A 423 34.28 17.57 -3.60
CA GLY A 423 33.59 18.82 -3.29
C GLY A 423 32.26 19.05 -3.99
N ASP A 424 31.97 18.26 -5.02
CA ASP A 424 30.89 18.61 -5.97
C ASP A 424 29.49 18.50 -5.35
N THR A 425 28.55 19.25 -5.93
CA THR A 425 27.20 19.42 -5.38
C THR A 425 26.14 19.28 -6.47
N PRO A 426 24.92 18.82 -6.13
CA PRO A 426 23.81 18.88 -7.08
C PRO A 426 23.57 20.28 -7.64
N GLU A 427 23.60 21.28 -6.77
CA GLU A 427 23.48 22.69 -7.15
C GLU A 427 24.55 23.07 -8.18
N ALA A 428 25.80 22.70 -7.90
CA ALA A 428 26.93 23.00 -8.77
C ALA A 428 26.88 22.29 -10.13
N LEU A 429 26.40 21.05 -10.14
CA LEU A 429 26.26 20.27 -11.37
C LEU A 429 25.25 20.89 -12.32
N LEU A 430 24.07 21.20 -11.80
CA LEU A 430 23.02 21.83 -12.58
C LEU A 430 23.37 23.27 -12.97
N LYS A 431 24.18 23.96 -12.18
CA LYS A 431 24.63 25.32 -12.54
C LYS A 431 25.56 25.25 -13.75
N ARG A 432 26.41 24.23 -13.81
CA ARG A 432 27.29 24.01 -14.96
C ARG A 432 26.50 23.66 -16.22
N ALA A 433 25.48 22.83 -16.07
CA ALA A 433 24.57 22.50 -17.16
C ALA A 433 23.81 23.73 -17.63
N ASP A 434 23.46 24.60 -16.69
CA ASP A 434 22.73 25.83 -16.97
C ASP A 434 23.59 26.82 -17.78
N GLU A 435 24.87 26.93 -17.41
CA GLU A 435 25.83 27.70 -18.19
C GLU A 435 25.94 27.15 -19.61
N GLY A 436 25.92 25.82 -19.71
CA GLY A 436 26.00 25.13 -21.00
C GLY A 436 24.85 25.44 -21.93
N VAL A 437 23.64 25.53 -21.39
CA VAL A 437 22.47 25.91 -22.19
C VAL A 437 22.57 27.38 -22.63
N TYR A 438 23.05 28.24 -21.73
CA TYR A 438 23.19 29.67 -22.03
C TYR A 438 24.16 29.89 -23.20
N GLN A 439 25.27 29.16 -23.22
CA GLN A 439 26.24 29.25 -24.30
C GLN A 439 25.76 28.58 -25.60
N ALA A 440 24.87 27.60 -25.48
CA ALA A 440 24.30 26.93 -26.65
C ALA A 440 23.35 27.84 -27.43
N LYS A 441 22.70 28.77 -26.73
CA LYS A 441 21.87 29.80 -27.37
C LYS A 441 22.71 30.98 -27.87
N ALA A 442 23.88 31.19 -27.26
CA ALA A 442 24.84 32.20 -27.72
C ALA A 442 25.50 31.82 -29.06
N SER A 443 25.70 30.52 -29.29
CA SER A 443 26.27 30.04 -30.56
C SER A 443 25.24 30.08 -31.70
N GLY A 444 23.95 30.10 -31.35
CA GLY A 444 22.87 30.18 -32.33
C GLY A 444 21.81 29.10 -32.23
N ARG A 445 21.60 28.56 -31.03
CA ARG A 445 20.58 27.54 -30.75
C ARG A 445 20.82 26.22 -31.51
N ASN A 446 19.99 25.23 -31.23
CA ASN A 446 20.08 23.91 -31.86
C ASN A 446 21.50 23.32 -31.78
N ALA A 447 22.02 23.20 -30.56
CA ALA A 447 23.37 22.70 -30.35
C ALA A 447 23.56 22.08 -28.97
N VAL A 448 24.76 21.52 -28.75
CA VAL A 448 25.15 20.91 -27.48
C VAL A 448 26.45 21.56 -26.99
N VAL A 449 26.49 21.90 -25.71
CA VAL A 449 27.70 22.46 -25.09
C VAL A 449 27.93 21.81 -23.73
N GLY A 450 29.10 21.20 -23.56
CA GLY A 450 29.50 20.62 -22.27
C GLY A 450 30.26 21.62 -21.42
N LYS A 451 30.09 21.50 -20.10
CA LYS A 451 30.81 22.36 -19.15
C LYS A 451 31.37 21.48 -18.04
N ALA A 452 32.70 21.45 -17.93
CA ALA A 452 33.41 20.64 -16.94
C ALA A 452 33.96 21.50 -15.81
N ALA A 453 34.27 20.85 -14.69
CA ALA A 453 34.91 21.50 -13.55
C ALA A 453 36.42 21.53 -13.75
N HIS A 454 36.89 22.02 -14.47
CA HIS A 454 37.31 23.37 -14.30
C HIS A 454 38.32 23.87 -15.31
N SER B 1 14.60 -3.32 10.96
CA SER B 1 13.24 -2.84 10.57
C SER B 1 12.83 -1.58 11.35
N ALA B 2 13.18 -1.56 12.63
CA ALA B 2 12.80 -0.43 13.48
C ALA B 2 13.83 -0.14 14.56
N ARG B 3 13.70 1.06 15.12
CA ARG B 3 14.53 1.51 16.23
C ARG B 3 13.72 1.42 17.53
N ILE B 4 14.22 0.62 18.46
CA ILE B 4 13.52 0.33 19.71
C ILE B 4 14.33 0.86 20.88
N LEU B 5 13.65 1.55 21.79
CA LEU B 5 14.25 1.99 23.05
C LEU B 5 13.67 1.14 24.17
N VAL B 6 14.55 0.43 24.89
CA VAL B 6 14.15 -0.45 25.98
C VAL B 6 14.53 0.21 27.30
N VAL B 7 13.63 0.18 28.27
CA VAL B 7 13.81 0.90 29.54
C VAL B 7 13.47 0.02 30.74
N ASP B 8 14.45 -0.24 31.58
CA ASP B 8 14.24 -1.01 32.80
C ASP B 8 15.43 -0.76 33.73
N ASP B 9 15.19 -0.76 35.04
CA ASP B 9 16.24 -0.42 36.00
C ASP B 9 17.21 -1.56 36.28
N ILE B 10 16.86 -2.79 35.90
CA ILE B 10 17.71 -3.95 36.18
C ILE B 10 18.56 -4.29 34.97
N GLU B 11 19.85 -4.00 35.04
CA GLU B 11 20.78 -4.21 33.92
C GLU B 11 21.07 -5.69 33.73
N ALA B 12 20.13 -6.37 33.06
CA ALA B 12 20.14 -7.83 32.92
C ALA B 12 18.85 -8.21 32.22
N ASN B 13 17.74 -7.67 32.72
CA ASN B 13 16.49 -7.66 31.97
C ASN B 13 16.67 -6.86 30.69
N VAL B 14 17.42 -5.76 30.78
CA VAL B 14 17.68 -4.90 29.63
C VAL B 14 18.56 -5.61 28.61
N ARG B 15 19.59 -6.31 29.08
CA ARG B 15 20.50 -7.03 28.19
C ARG B 15 19.80 -8.22 27.49
N LEU B 16 18.94 -8.91 28.21
CA LEU B 16 18.20 -10.05 27.63
C LEU B 16 17.23 -9.61 26.53
N LEU B 17 16.47 -8.55 26.79
CA LEU B 17 15.61 -7.94 25.77
C LEU B 17 16.43 -7.38 24.61
N GLU B 18 17.53 -6.71 24.90
CA GLU B 18 18.37 -6.13 23.86
C GLU B 18 18.87 -7.24 22.94
N ALA B 19 19.36 -8.33 23.53
CA ALA B 19 19.90 -9.45 22.77
C ALA B 19 18.83 -10.10 21.87
N LYS B 20 17.67 -10.40 22.43
CA LYS B 20 16.57 -11.00 21.66
C LYS B 20 16.17 -10.14 20.46
N LEU B 21 16.06 -8.83 20.67
CA LEU B 21 15.63 -7.89 19.65
C LEU B 21 16.65 -7.67 18.54
N THR B 22 17.94 -7.53 18.88
CA THR B 22 18.96 -7.34 17.85
C THR B 22 19.23 -8.64 17.08
N ALA B 23 18.92 -9.78 17.68
CA ALA B 23 19.03 -11.07 16.99
C ALA B 23 18.02 -11.13 15.84
N GLU B 24 16.92 -10.39 15.96
CA GLU B 24 15.97 -10.23 14.85
C GLU B 24 16.22 -8.95 14.00
N TYR B 25 17.41 -8.37 14.14
CA TYR B 25 17.86 -7.24 13.31
C TYR B 25 17.13 -5.89 13.53
N TYR B 26 16.52 -5.72 14.70
CA TYR B 26 16.10 -4.40 15.16
C TYR B 26 17.30 -3.61 15.69
N GLU B 27 17.20 -2.28 15.64
CA GLU B 27 18.20 -1.38 16.19
C GLU B 27 17.78 -0.92 17.60
N VAL B 28 18.52 -1.37 18.61
CA VAL B 28 18.09 -1.24 20.00
C VAL B 28 19.00 -0.32 20.78
N SER B 29 18.41 0.66 21.46
CA SER B 29 19.12 1.45 22.46
C SER B 29 18.48 1.18 23.83
N THR B 30 19.20 1.53 24.91
CA THR B 30 18.73 1.26 26.28
C THR B 30 18.86 2.43 27.23
N ALA B 31 18.06 2.38 28.29
CA ALA B 31 18.11 3.38 29.35
C ALA B 31 17.78 2.65 30.63
N MET B 32 18.48 3.02 31.70
CA MET B 32 18.34 2.34 32.98
C MET B 32 17.46 3.11 33.97
N ASP B 33 16.93 4.26 33.56
CA ASP B 33 16.11 5.09 34.45
C ASP B 33 15.29 6.07 33.63
N GLY B 34 14.37 6.77 34.30
CA GLY B 34 13.39 7.62 33.64
C GLY B 34 13.95 8.82 32.91
N PRO B 35 14.64 9.72 33.61
CA PRO B 35 15.25 10.89 32.98
C PRO B 35 16.12 10.57 31.76
N THR B 36 16.88 9.49 31.81
CA THR B 36 17.66 9.03 30.66
C THR B 36 16.77 8.66 29.49
N ALA B 37 15.71 7.89 29.76
CA ALA B 37 14.79 7.46 28.71
C ALA B 37 14.12 8.65 28.01
N LEU B 38 13.72 9.65 28.81
CA LEU B 38 13.04 10.84 28.26
C LEU B 38 13.98 11.64 27.37
N ALA B 39 15.21 11.78 27.80
CA ALA B 39 16.24 12.48 27.03
C ALA B 39 16.56 11.74 25.73
N MET B 40 16.63 10.41 25.80
CA MET B 40 16.94 9.60 24.61
C MET B 40 15.78 9.53 23.62
N ALA B 41 14.56 9.48 24.12
CA ALA B 41 13.39 9.44 23.25
C ALA B 41 13.30 10.74 22.45
N ALA B 42 13.50 11.87 23.12
CA ALA B 42 13.46 13.17 22.46
C ALA B 42 14.62 13.35 21.45
N ARG B 43 15.79 12.82 21.78
CA ARG B 43 16.97 12.94 20.93
C ARG B 43 16.96 11.99 19.73
N ASP B 44 16.51 10.75 19.95
CA ASP B 44 16.55 9.69 18.92
C ASP B 44 15.24 9.51 18.16
N LEU B 45 14.12 9.88 18.78
CA LEU B 45 12.80 9.63 18.21
C LEU B 45 12.64 8.17 17.75
N PRO B 46 12.75 7.23 18.67
CA PRO B 46 12.64 5.82 18.33
C PRO B 46 11.28 5.47 17.73
N ASP B 47 11.18 4.31 17.11
CA ASP B 47 9.91 3.86 16.52
C ASP B 47 8.94 3.38 17.58
N ILE B 48 9.44 2.59 18.54
CA ILE B 48 8.65 2.22 19.72
C ILE B 48 9.50 2.16 20.99
N ILE B 49 8.83 2.21 22.14
CA ILE B 49 9.47 2.19 23.44
C ILE B 49 8.93 1.05 24.30
N LEU B 50 9.82 0.18 24.76
CA LEU B 50 9.44 -0.88 25.71
C LEU B 50 9.84 -0.41 27.09
N LEU B 51 8.86 -0.33 28.00
CA LEU B 51 9.01 0.41 29.26
C LEU B 51 8.53 -0.41 30.45
N ASP B 52 9.42 -0.69 31.39
CA ASP B 52 9.04 -1.39 32.61
C ASP B 52 8.32 -0.44 33.56
N VAL B 53 7.24 -0.90 34.18
CA VAL B 53 6.47 -0.05 35.09
C VAL B 53 7.15 0.20 36.45
N MET B 54 7.98 -0.73 36.91
CA MET B 54 8.66 -0.64 38.23
C MET B 54 10.05 -0.02 38.14
N MET B 55 10.20 1.22 38.60
CA MET B 55 11.52 1.83 38.72
C MET B 55 11.53 2.77 39.91
N PRO B 56 12.63 2.82 40.64
CA PRO B 56 12.74 3.68 41.79
C PRO B 56 12.89 5.15 41.38
N GLY B 57 12.31 6.06 42.18
CA GLY B 57 12.40 7.49 41.92
C GLY B 57 11.33 7.96 40.95
N MET B 58 11.43 7.52 39.70
CA MET B 58 10.43 7.81 38.69
C MET B 58 10.03 6.49 38.02
N ASP B 59 8.78 6.08 38.22
CA ASP B 59 8.29 4.81 37.67
C ASP B 59 7.83 4.93 36.22
N GLY B 60 7.52 3.80 35.60
CA GLY B 60 7.15 3.76 34.19
C GLY B 60 5.91 4.55 33.84
N PHE B 61 4.96 4.59 34.77
CA PHE B 61 3.72 5.34 34.55
C PHE B 61 4.02 6.81 34.37
N THR B 62 4.86 7.35 35.26
CA THR B 62 5.29 8.73 35.18
C THR B 62 6.02 9.00 33.86
N VAL B 63 6.95 8.12 33.51
CA VAL B 63 7.71 8.24 32.26
C VAL B 63 6.74 8.28 31.08
N CYS B 64 5.87 7.27 31.01
CA CYS B 64 4.86 7.19 29.97
C CYS B 64 4.05 8.49 29.85
N ARG B 65 3.51 8.99 30.97
CA ARG B 65 2.79 10.27 30.97
C ARG B 65 3.65 11.40 30.41
N LYS B 66 4.89 11.50 30.90
CA LYS B 66 5.81 12.54 30.42
C LYS B 66 6.13 12.41 28.92
N LEU B 67 6.17 11.19 28.40
CA LEU B 67 6.35 10.97 26.95
C LEU B 67 5.19 11.52 26.14
N LYS B 68 3.99 11.50 26.72
CA LYS B 68 2.80 12.05 26.07
C LYS B 68 2.62 13.55 26.31
N ASP B 69 3.25 14.10 27.35
CA ASP B 69 3.24 15.56 27.57
C ASP B 69 4.13 16.31 26.56
N ASP B 70 5.21 15.66 26.14
CA ASP B 70 6.14 16.26 25.20
C ASP B 70 5.54 16.12 23.78
N PRO B 71 5.30 17.24 23.10
CA PRO B 71 4.74 17.20 21.74
C PRO B 71 5.66 16.51 20.72
N THR B 72 6.95 16.39 21.05
CA THR B 72 7.94 15.68 20.24
C THR B 72 7.85 14.15 20.26
N THR B 73 7.43 13.57 21.40
CA THR B 73 7.40 12.13 21.60
C THR B 73 6.01 11.51 21.74
N ARG B 74 5.00 12.37 21.85
CA ARG B 74 3.60 11.98 21.96
C ARG B 74 3.21 10.84 21.01
N HIS B 75 3.69 10.94 19.77
CA HIS B 75 3.31 10.00 18.70
C HIS B 75 3.91 8.60 18.79
N ILE B 76 4.89 8.39 19.69
CA ILE B 76 5.59 7.11 19.76
C ILE B 76 4.84 6.09 20.63
N PRO B 77 4.46 4.95 20.03
CA PRO B 77 3.85 3.86 20.78
C PRO B 77 4.71 3.39 21.95
N VAL B 78 4.09 3.25 23.12
CA VAL B 78 4.76 2.80 24.33
C VAL B 78 4.11 1.53 24.82
N VAL B 79 4.92 0.49 25.00
CA VAL B 79 4.46 -0.79 25.54
C VAL B 79 4.95 -0.89 26.97
N LEU B 80 4.04 -1.11 27.91
CA LEU B 80 4.42 -1.28 29.30
C LEU B 80 4.63 -2.76 29.65
N ILE B 81 5.73 -3.04 30.35
CA ILE B 81 6.03 -4.38 30.83
C ILE B 81 5.52 -4.51 32.27
N THR B 82 4.52 -5.35 32.49
CA THR B 82 3.90 -5.51 33.81
C THR B 82 4.32 -6.83 34.46
N ALA B 83 3.97 -6.98 35.72
CA ALA B 83 4.15 -8.25 36.42
C ALA B 83 3.04 -9.23 36.04
N LEU B 84 3.14 -10.46 36.55
CA LEU B 84 2.21 -11.56 36.24
C LEU B 84 0.75 -11.17 36.54
N ASP B 85 0.50 -10.81 37.80
CA ASP B 85 -0.78 -10.25 38.21
C ASP B 85 -0.75 -8.73 38.00
N GLY B 86 -1.07 -8.32 36.77
CA GLY B 86 -0.86 -6.94 36.37
C GLY B 86 -2.12 -6.15 36.10
N ARG B 87 -3.23 -6.55 36.72
CA ARG B 87 -4.50 -5.87 36.48
C ARG B 87 -4.39 -4.39 36.84
N GLY B 88 -3.99 -4.11 38.07
CA GLY B 88 -3.80 -2.74 38.55
C GLY B 88 -2.87 -1.95 37.65
N ASP B 89 -1.76 -2.59 37.27
CA ASP B 89 -0.78 -2.00 36.37
C ASP B 89 -1.37 -1.63 35.01
N ARG B 90 -2.13 -2.55 34.41
CA ARG B 90 -2.71 -2.32 33.08
C ARG B 90 -3.74 -1.21 33.09
N ILE B 91 -4.55 -1.16 34.15
CA ILE B 91 -5.55 -0.10 34.28
C ILE B 91 -4.87 1.27 34.41
N GLN B 92 -3.84 1.34 35.25
CA GLN B 92 -3.06 2.57 35.38
C GLN B 92 -2.27 2.87 34.11
N GLY B 93 -1.79 1.83 33.44
CA GLY B 93 -1.11 1.98 32.18
C GLY B 93 -1.98 2.61 31.11
N LEU B 94 -3.23 2.18 31.03
CA LEU B 94 -4.18 2.79 30.08
C LEU B 94 -4.39 4.28 30.37
N GLU B 95 -4.62 4.66 31.61
CA GLU B 95 -4.84 6.09 31.90
C GLU B 95 -3.56 6.94 31.81
N SER B 96 -2.39 6.32 31.79
CA SER B 96 -1.16 7.08 31.61
C SER B 96 -0.66 7.11 30.15
N GLY B 97 -1.37 6.44 29.24
CA GLY B 97 -1.18 6.63 27.80
C GLY B 97 -0.55 5.50 26.99
N ALA B 98 -0.39 4.34 27.61
CA ALA B 98 0.26 3.21 26.99
C ALA B 98 -0.54 2.68 25.82
N SER B 99 0.17 2.15 24.83
CA SER B 99 -0.41 1.62 23.63
C SER B 99 -0.78 0.15 23.78
N ASP B 100 0.03 -0.60 24.52
CA ASP B 100 -0.24 -2.02 24.73
C ASP B 100 0.61 -2.54 25.87
N PHE B 101 0.57 -3.85 26.09
CA PHE B 101 1.25 -4.47 27.22
C PHE B 101 1.98 -5.75 26.88
N LEU B 102 2.85 -6.14 27.80
CA LEU B 102 3.59 -7.38 27.77
C LEU B 102 3.71 -7.83 29.21
N THR B 103 3.64 -9.14 29.44
CA THR B 103 3.68 -9.71 30.78
C THR B 103 5.01 -10.40 31.04
N LYS B 104 5.60 -10.15 32.21
CA LYS B 104 6.76 -10.93 32.69
C LYS B 104 6.27 -12.24 33.32
N PRO B 105 7.02 -13.34 33.15
CA PRO B 105 8.24 -13.39 32.33
C PRO B 105 7.91 -13.35 30.85
N ILE B 106 8.75 -12.70 30.07
CA ILE B 106 8.40 -12.34 28.69
C ILE B 106 8.39 -13.53 27.74
N ASP B 107 7.28 -13.66 27.03
CA ASP B 107 7.10 -14.68 26.02
C ASP B 107 7.57 -14.11 24.69
N ASP B 108 8.53 -14.79 24.07
CA ASP B 108 9.15 -14.33 22.83
C ASP B 108 8.14 -14.14 21.70
N VAL B 109 7.17 -15.04 21.58
CA VAL B 109 6.17 -14.90 20.53
C VAL B 109 5.31 -13.66 20.77
N MET B 110 4.88 -13.42 22.00
CA MET B 110 4.13 -12.19 22.31
C MET B 110 5.02 -10.99 22.00
N LEU B 111 6.25 -11.02 22.49
CA LEU B 111 7.17 -9.90 22.29
C LEU B 111 7.19 -9.45 20.84
N PHE B 112 7.43 -10.38 19.92
CA PHE B 112 7.58 -10.03 18.52
C PHE B 112 6.25 -9.77 17.83
N ALA B 113 5.19 -10.45 18.26
CA ALA B 113 3.86 -10.13 17.78
C ALA B 113 3.58 -8.67 18.09
N ARG B 114 3.87 -8.26 19.31
CA ARG B 114 3.62 -6.89 19.75
C ARG B 114 4.47 -5.83 19.06
N VAL B 115 5.74 -6.13 18.83
CA VAL B 115 6.64 -5.20 18.16
C VAL B 115 6.25 -5.04 16.69
N ARG B 116 6.02 -6.15 15.99
CA ARG B 116 5.67 -6.10 14.55
C ARG B 116 4.36 -5.33 14.37
N SER B 117 3.40 -5.55 15.26
CA SER B 117 2.14 -4.84 15.19
C SER B 117 2.29 -3.33 15.32
N LEU B 118 3.00 -2.88 16.34
CA LEU B 118 3.14 -1.45 16.59
C LEU B 118 4.09 -0.77 15.62
N THR B 119 5.04 -1.53 15.11
CA THR B 119 5.92 -1.08 14.03
C THR B 119 5.11 -0.75 12.77
N ARG B 120 4.24 -1.68 12.39
CA ARG B 120 3.38 -1.48 11.24
C ARG B 120 2.49 -0.25 11.44
N PHE B 121 1.97 -0.07 12.66
CA PHE B 121 1.21 1.12 13.03
C PHE B 121 2.05 2.39 12.94
N LYS B 122 3.30 2.31 13.38
CA LYS B 122 4.18 3.46 13.40
C LYS B 122 4.44 3.99 11.97
N LEU B 123 4.50 3.09 10.99
CA LEU B 123 4.65 3.51 9.58
C LEU B 123 3.57 4.52 9.22
N VAL B 124 2.33 4.18 9.52
CA VAL B 124 1.19 5.02 9.15
C VAL B 124 1.13 6.29 10.02
N ILE B 125 1.53 6.19 11.28
CA ILE B 125 1.62 7.37 12.13
C ILE B 125 2.58 8.39 11.54
N ASP B 126 3.75 7.93 11.10
CA ASP B 126 4.74 8.84 10.51
C ASP B 126 4.25 9.44 9.19
N GLU B 127 3.57 8.61 8.38
CA GLU B 127 3.04 9.07 7.10
C GLU B 127 2.02 10.18 7.29
N LEU B 128 1.09 9.98 8.21
CA LEU B 128 0.08 10.98 8.54
C LEU B 128 0.72 12.27 9.04
N ARG B 129 1.74 12.15 9.89
CA ARG B 129 2.42 13.33 10.42
C ARG B 129 3.11 14.13 9.32
N GLN B 130 3.64 13.46 8.30
CA GLN B 130 4.25 14.16 7.17
C GLN B 130 3.23 14.99 6.41
N ARG B 131 2.04 14.45 6.17
CA ARG B 131 0.96 15.20 5.53
C ARG B 131 0.71 16.48 6.31
N GLU B 132 0.35 16.31 7.58
CA GLU B 132 0.01 17.45 8.43
C GLU B 132 1.11 18.51 8.47
N ALA B 133 2.36 18.10 8.25
CA ALA B 133 3.49 19.04 8.18
C ALA B 133 3.52 19.88 6.88
N SER B 134 2.53 19.70 5.99
CA SER B 134 2.42 20.49 4.75
C SER B 134 1.47 21.68 4.89
N GLY B 135 0.26 21.40 5.39
CA GLY B 135 -0.78 22.43 5.56
C GLY B 135 -0.37 23.53 6.52
N ARG B 136 -0.82 24.34 6.08
CA ARG B 136 -1.04 25.44 6.94
C ARG B 136 -1.95 26.13 6.05
N ARG B 137 -1.60 26.03 4.77
CA ARG B 137 -2.38 26.67 3.76
C ARG B 137 -3.81 26.25 3.87
N MET B 138 -4.21 25.03 3.65
CA MET B 138 -5.64 25.03 3.91
C MET B 138 -6.10 23.84 4.71
N GLY B 139 -5.16 23.35 5.55
CA GLY B 139 -5.37 22.19 6.44
C GLY B 139 -6.54 21.35 5.97
N VAL B 140 -6.55 21.05 4.67
CA VAL B 140 -7.59 20.28 3.95
C VAL B 140 -8.96 20.96 4.07
N ILE B 141 -8.94 22.26 4.19
CA ILE B 141 -10.20 22.98 4.23
C ILE B 141 -11.16 22.38 3.21
N ALA B 142 -10.65 21.56 2.30
CA ALA B 142 -11.43 20.94 1.23
C ALA B 142 -11.87 19.51 1.57
N GLY B 143 -11.87 19.28 2.92
CA GLY B 143 -12.23 18.00 3.53
C GLY B 143 -12.77 18.17 4.94
N ALA B 144 -13.92 17.51 5.14
CA ALA B 144 -14.65 17.58 6.38
C ALA B 144 -15.49 16.37 6.68
N ALA B 145 -15.00 15.75 7.72
CA ALA B 145 -15.47 14.52 8.29
C ALA B 145 -14.26 13.66 8.39
N ALA B 146 -13.87 13.65 9.75
CA ALA B 146 -12.66 12.83 9.70
C ALA B 146 -12.31 12.26 11.08
N ARG B 147 -12.77 11.04 11.35
CA ARG B 147 -12.60 10.44 12.66
C ARG B 147 -11.33 9.60 12.75
N LEU B 148 -10.47 9.90 13.72
CA LEU B 148 -9.16 9.25 13.84
C LEU B 148 -8.82 8.71 15.24
N ASP B 149 -9.81 8.63 16.14
CA ASP B 149 -9.72 7.85 17.38
C ASP B 149 -9.51 6.39 17.01
N GLY B 150 -9.32 5.57 18.04
CA GLY B 150 -9.49 4.14 17.91
C GLY B 150 -10.84 3.68 18.38
N LEU B 151 -11.75 4.62 18.65
CA LEU B 151 -13.01 4.36 19.36
C LEU B 151 -14.21 4.38 18.44
N GLY B 152 -15.36 3.91 18.94
CA GLY B 152 -16.52 3.65 18.10
C GLY B 152 -16.15 2.40 17.35
N GLY B 153 -16.65 2.21 16.15
CA GLY B 153 -16.09 1.10 15.35
C GLY B 153 -16.78 -0.23 15.53
N ARG B 154 -17.06 -0.87 14.40
CA ARG B 154 -17.84 -2.07 14.34
C ARG B 154 -16.91 -3.28 14.37
N VAL B 155 -17.06 -4.07 15.42
CA VAL B 155 -16.16 -5.18 15.69
C VAL B 155 -16.92 -6.51 15.54
N LEU B 156 -16.52 -7.29 14.56
CA LEU B 156 -17.15 -8.57 14.27
C LEU B 156 -16.45 -9.67 15.08
N ILE B 157 -17.19 -10.32 15.97
CA ILE B 157 -16.65 -11.39 16.81
C ILE B 157 -17.07 -12.76 16.27
N VAL B 158 -16.11 -13.49 15.73
CA VAL B 158 -16.36 -14.75 15.04
C VAL B 158 -15.96 -15.89 15.98
N ASP B 159 -16.96 -16.46 16.65
CA ASP B 159 -16.72 -17.41 17.72
C ASP B 159 -17.96 -18.24 18.00
N ASP B 160 -17.77 -19.55 18.17
CA ASP B 160 -18.85 -20.49 18.48
C ASP B 160 -18.99 -20.73 19.98
N ASN B 161 -18.05 -20.21 20.76
CA ASN B 161 -18.14 -20.23 22.23
C ASN B 161 -19.03 -19.08 22.74
N GLU B 162 -20.32 -19.36 22.86
CA GLU B 162 -21.35 -18.42 23.31
C GLU B 162 -20.92 -17.54 24.49
N ARG B 163 -20.49 -18.17 25.58
CA ARG B 163 -20.14 -17.44 26.80
C ARG B 163 -19.00 -16.46 26.60
N GLN B 164 -17.95 -16.90 25.92
CA GLN B 164 -16.80 -16.05 25.71
C GLN B 164 -17.10 -14.92 24.71
N ALA B 165 -17.80 -15.26 23.62
CA ALA B 165 -18.18 -14.25 22.63
C ALA B 165 -18.97 -13.12 23.30
N GLN B 166 -19.88 -13.54 24.16
CA GLN B 166 -20.81 -12.62 24.79
C GLN B 166 -20.10 -11.75 25.84
N ARG B 167 -19.08 -12.31 26.49
CA ARG B 167 -18.30 -11.56 27.47
C ARG B 167 -17.40 -10.52 26.77
N VAL B 168 -16.73 -10.91 25.70
CA VAL B 168 -15.98 -9.96 24.87
C VAL B 168 -16.90 -8.82 24.38
N ALA B 169 -18.07 -9.16 23.88
CA ALA B 169 -19.02 -8.16 23.42
C ALA B 169 -19.37 -7.15 24.53
N ALA B 170 -19.53 -7.61 25.77
CA ALA B 170 -19.79 -6.73 26.92
C ALA B 170 -18.61 -5.80 27.21
N GLU B 171 -17.40 -6.32 27.22
CA GLU B 171 -16.22 -5.47 27.38
C GLU B 171 -16.10 -4.42 26.26
N LEU B 172 -16.45 -4.81 25.03
CA LEU B 172 -16.34 -3.90 23.89
C LEU B 172 -17.51 -2.95 23.74
N GLY B 173 -18.61 -3.23 24.41
CA GLY B 173 -19.85 -2.48 24.18
C GLY B 173 -19.88 -1.11 24.81
N VAL B 174 -18.92 -0.80 25.67
CA VAL B 174 -18.84 0.53 26.24
C VAL B 174 -18.26 1.52 25.23
N GLU B 175 -17.16 1.15 24.59
CA GLU B 175 -16.47 2.03 23.66
C GLU B 175 -16.65 1.66 22.18
N HIS B 176 -17.33 0.55 21.87
CA HIS B 176 -17.48 0.11 20.49
C HIS B 176 -18.88 -0.44 20.19
N ARG B 177 -19.06 -0.94 18.95
CA ARG B 177 -20.31 -1.48 18.45
C ARG B 177 -20.11 -2.95 18.02
N PRO B 178 -20.09 -3.87 18.98
CA PRO B 178 -19.82 -5.28 18.70
C PRO B 178 -20.96 -6.07 18.06
N VAL B 179 -20.60 -7.11 17.31
CA VAL B 179 -21.52 -7.97 16.55
C VAL B 179 -20.97 -9.39 16.64
N ILE B 180 -21.81 -10.37 16.95
CA ILE B 180 -21.36 -11.76 17.07
C ILE B 180 -21.89 -12.65 15.94
N GLU B 181 -20.97 -13.39 15.31
CA GLU B 181 -21.31 -14.47 14.39
C GLU B 181 -20.68 -15.76 14.90
N SER B 182 -21.47 -16.81 15.01
CA SER B 182 -20.95 -18.13 15.37
C SER B 182 -20.74 -19.02 14.15
N ASP B 183 -21.42 -18.70 13.04
CA ASP B 183 -21.29 -19.44 11.79
C ASP B 183 -20.29 -18.73 10.89
N PRO B 184 -19.18 -19.40 10.54
CA PRO B 184 -18.13 -18.78 9.72
C PRO B 184 -18.62 -18.35 8.34
N GLU B 185 -19.48 -19.14 7.72
CA GLU B 185 -20.04 -18.81 6.41
C GLU B 185 -20.86 -17.52 6.47
N LYS B 186 -21.71 -17.37 7.49
CA LYS B 186 -22.40 -16.09 7.71
C LYS B 186 -21.42 -14.94 8.01
N ALA B 187 -20.35 -15.24 8.76
CA ALA B 187 -19.34 -14.23 9.11
C ALA B 187 -18.54 -13.75 7.91
N LYS B 188 -18.29 -14.63 6.95
CA LYS B 188 -17.60 -14.26 5.70
C LYS B 188 -18.36 -13.12 5.02
N ILE B 189 -19.67 -13.26 4.97
CA ILE B 189 -20.52 -12.24 4.34
C ILE B 189 -20.50 -10.96 5.15
N SER B 190 -20.79 -11.07 6.45
CA SER B 190 -20.72 -9.92 7.37
C SER B 190 -19.42 -9.12 7.23
N ALA B 191 -18.30 -9.82 7.09
CA ALA B 191 -16.98 -9.20 7.10
C ALA B 191 -16.71 -8.34 5.87
N GLY B 192 -17.33 -8.69 4.74
CA GLY B 192 -17.31 -7.87 3.54
C GLY B 192 -18.07 -6.56 3.69
N GLY B 193 -18.97 -6.50 4.67
CA GLY B 193 -19.66 -5.27 5.01
C GLY B 193 -18.78 -4.28 5.77
N PRO B 194 -19.38 -3.24 6.31
CA PRO B 194 -18.66 -2.16 7.00
C PRO B 194 -18.17 -2.55 8.40
N VAL B 195 -17.01 -3.21 8.43
CA VAL B 195 -16.41 -3.79 9.63
C VAL B 195 -15.02 -3.20 9.82
N ASP B 196 -14.72 -2.75 11.04
CA ASP B 196 -13.43 -2.13 11.38
C ASP B 196 -12.40 -3.13 11.91
N LEU B 197 -12.85 -4.28 12.39
CA LEU B 197 -11.97 -5.26 13.00
C LEU B 197 -12.69 -6.56 13.18
N VAL B 198 -12.01 -7.67 12.89
CA VAL B 198 -12.50 -9.00 13.20
C VAL B 198 -11.70 -9.58 14.36
N ILE B 199 -12.41 -10.19 15.32
CA ILE B 199 -11.78 -10.99 16.36
C ILE B 199 -12.26 -12.44 16.17
N VAL B 200 -11.33 -13.36 16.02
CA VAL B 200 -11.61 -14.76 15.73
C VAL B 200 -11.08 -15.63 16.84
N ASN B 201 -11.87 -16.63 17.24
CA ASN B 201 -11.36 -17.66 18.13
C ASN B 201 -10.53 -18.66 17.33
N ALA B 202 -9.21 -18.62 17.51
CA ALA B 202 -8.33 -19.60 16.89
C ALA B 202 -8.41 -20.97 17.57
N ALA B 203 -9.13 -21.07 18.69
CA ALA B 203 -9.30 -22.34 19.39
C ALA B 203 -10.77 -22.79 19.42
N ALA B 204 -11.53 -22.40 18.40
CA ALA B 204 -12.94 -22.80 18.25
C ALA B 204 -13.11 -24.31 18.11
N LYS B 205 -14.33 -24.80 18.32
CA LYS B 205 -14.61 -26.25 18.30
C LYS B 205 -15.24 -26.71 16.97
N ASN B 206 -16.17 -25.91 16.44
CA ASN B 206 -16.93 -26.26 15.24
C ASN B 206 -16.29 -25.81 13.93
N PHE B 207 -15.37 -24.85 14.01
CA PHE B 207 -14.68 -24.37 12.81
C PHE B 207 -13.20 -24.11 13.10
N ASP B 208 -12.43 -23.98 12.02
CA ASP B 208 -11.02 -23.57 12.09
C ASP B 208 -10.91 -22.05 11.85
N GLY B 209 -10.55 -21.31 12.89
CA GLY B 209 -10.45 -19.84 12.82
C GLY B 209 -9.32 -19.34 11.95
N LEU B 210 -8.30 -20.15 11.76
CA LEU B 210 -7.18 -19.80 10.89
C LEU B 210 -7.56 -19.98 9.42
N ARG B 211 -8.28 -21.07 9.12
CA ARG B 211 -8.89 -21.24 7.80
C ARG B 211 -9.81 -20.08 7.46
N PHE B 212 -10.56 -19.60 8.45
CA PHE B 212 -11.44 -18.47 8.25
C PHE B 212 -10.61 -17.20 7.92
N THR B 213 -9.58 -16.94 8.72
CA THR B 213 -8.68 -15.79 8.50
C THR B 213 -8.01 -15.84 7.11
N ALA B 214 -7.44 -17.00 6.77
CA ALA B 214 -6.87 -17.21 5.45
C ALA B 214 -7.86 -16.85 4.34
N ALA B 215 -9.12 -17.24 4.51
CA ALA B 215 -10.14 -16.97 3.50
C ALA B 215 -10.43 -15.47 3.37
N LEU B 216 -10.42 -14.74 4.48
CA LEU B 216 -10.56 -13.29 4.43
C LEU B 216 -9.42 -12.67 3.61
N ARG B 217 -8.20 -13.20 3.80
CA ARG B 217 -7.00 -12.68 3.15
C ARG B 217 -6.93 -12.95 1.64
N SER B 218 -7.76 -13.87 1.13
CA SER B 218 -7.73 -14.24 -0.28
C SER B 218 -8.88 -13.64 -1.10
N GLU B 219 -9.54 -12.60 -0.58
CA GLU B 219 -10.62 -11.90 -1.29
C GLU B 219 -10.43 -10.39 -1.15
N GLU B 220 -10.60 -9.66 -2.25
CA GLU B 220 -10.36 -8.21 -2.26
C GLU B 220 -11.12 -7.45 -1.16
N ARG B 221 -12.37 -7.81 -0.93
CA ARG B 221 -13.22 -7.05 0.00
C ARG B 221 -12.74 -7.14 1.46
N THR B 222 -12.07 -8.24 1.82
CA THR B 222 -11.69 -8.48 3.20
C THR B 222 -10.18 -8.56 3.42
N ARG B 223 -9.39 -8.39 2.36
CA ARG B 223 -7.95 -8.58 2.45
C ARG B 223 -7.28 -7.64 3.45
N GLN B 224 -7.78 -6.41 3.54
CA GLN B 224 -7.15 -5.35 4.34
C GLN B 224 -7.76 -5.18 5.74
N LEU B 225 -8.60 -6.12 6.12
CA LEU B 225 -9.37 -6.04 7.34
C LEU B 225 -8.49 -6.48 8.51
N PRO B 226 -8.35 -5.67 9.55
CA PRO B 226 -7.59 -6.08 10.72
C PRO B 226 -8.21 -7.30 11.39
N VAL B 227 -7.38 -8.26 11.77
CA VAL B 227 -7.82 -9.45 12.47
C VAL B 227 -6.99 -9.66 13.75
N LEU B 228 -7.70 -9.94 14.84
CA LEU B 228 -7.12 -10.36 16.09
C LEU B 228 -7.57 -11.80 16.35
N ALA B 229 -6.65 -12.65 16.78
CA ALA B 229 -7.00 -14.03 17.09
C ALA B 229 -6.88 -14.28 18.59
N MET B 230 -7.89 -14.94 19.14
CA MET B 230 -7.83 -15.38 20.53
C MET B 230 -7.18 -16.76 20.54
N VAL B 231 -6.17 -16.94 21.39
CA VAL B 231 -5.35 -18.16 21.37
C VAL B 231 -5.18 -18.77 22.76
N ASP B 232 -5.12 -20.10 22.84
CA ASP B 232 -4.69 -20.79 24.05
C ASP B 232 -3.19 -20.53 24.15
N PRO B 233 -2.72 -20.02 25.28
CA PRO B 233 -1.30 -19.69 25.46
C PRO B 233 -0.39 -20.91 25.63
N ASP B 234 -0.95 -22.03 26.07
CA ASP B 234 -0.19 -23.28 26.17
C ASP B 234 0.18 -23.87 24.79
N ASP B 235 -0.59 -23.54 23.73
CA ASP B 235 -0.36 -24.07 22.36
C ASP B 235 0.42 -23.11 21.46
N ARG B 236 1.71 -23.35 21.33
CA ARG B 236 2.63 -22.40 20.73
C ARG B 236 2.59 -22.48 19.21
N GLY B 237 2.64 -23.70 18.67
CA GLY B 237 2.55 -23.91 17.24
C GLY B 237 1.39 -23.16 16.63
N ARG B 238 0.27 -23.16 17.34
CA ARG B 238 -0.95 -22.50 16.88
C ARG B 238 -0.83 -20.97 16.86
N MET B 239 -0.20 -20.37 17.88
CA MET B 239 0.01 -18.91 17.87
C MET B 239 0.90 -18.48 16.73
N VAL B 240 1.98 -19.23 16.53
CA VAL B 240 2.95 -18.95 15.50
C VAL B 240 2.27 -19.02 14.13
N LYS B 241 1.49 -20.08 13.92
CA LYS B 241 0.74 -20.23 12.67
C LYS B 241 -0.13 -19.00 12.38
N ALA B 242 -0.95 -18.63 13.35
CA ALA B 242 -1.87 -17.50 13.21
C ALA B 242 -1.16 -16.26 12.70
N LEU B 243 0.02 -15.98 13.26
CA LEU B 243 0.82 -14.84 12.86
C LEU B 243 1.34 -14.97 11.42
N GLU B 244 1.71 -16.19 11.00
CA GLU B 244 2.16 -16.43 9.61
C GLU B 244 1.05 -16.23 8.57
N ILE B 245 -0.17 -16.62 8.91
CA ILE B 245 -1.32 -16.54 8.02
C ILE B 245 -1.85 -15.12 7.82
N GLY B 246 -1.42 -14.18 8.66
CA GLY B 246 -1.83 -12.78 8.53
C GLY B 246 -2.66 -12.20 9.67
N VAL B 247 -2.82 -12.92 10.77
CA VAL B 247 -3.42 -12.34 11.96
C VAL B 247 -2.54 -11.17 12.36
N ASN B 248 -3.16 -10.01 12.57
CA ASN B 248 -2.43 -8.79 12.89
C ASN B 248 -1.82 -8.79 14.28
N ASP B 249 -2.55 -9.36 15.23
CA ASP B 249 -2.03 -9.53 16.58
C ASP B 249 -2.90 -10.56 17.31
N ILE B 250 -2.44 -11.00 18.47
CA ILE B 250 -3.10 -12.09 19.17
C ILE B 250 -3.44 -11.70 20.59
N LEU B 251 -4.41 -12.39 21.16
CA LEU B 251 -4.94 -12.12 22.51
C LEU B 251 -4.95 -13.41 23.30
N SER B 252 -4.24 -13.42 24.41
CA SER B 252 -4.15 -14.60 25.26
C SER B 252 -5.48 -14.86 25.98
N ARG B 253 -5.92 -16.12 26.03
CA ARG B 253 -7.09 -16.49 26.83
C ARG B 253 -6.63 -16.99 28.20
N PRO B 254 -7.42 -16.79 29.25
CA PRO B 254 -8.67 -16.03 29.19
C PRO B 254 -8.43 -14.54 28.92
N ILE B 255 -9.40 -13.89 28.29
CA ILE B 255 -9.20 -12.56 27.74
C ILE B 255 -9.21 -11.48 28.81
N ASP B 256 -8.19 -10.65 28.78
CA ASP B 256 -8.02 -9.57 29.73
C ASP B 256 -8.63 -8.27 29.17
N PRO B 257 -9.56 -7.67 29.91
CA PRO B 257 -10.24 -6.46 29.42
C PRO B 257 -9.32 -5.34 28.97
N GLN B 258 -8.19 -5.15 29.65
CA GLN B 258 -7.30 -4.04 29.35
C GLN B 258 -6.40 -4.31 28.17
N GLU B 259 -5.91 -5.54 28.06
CA GLU B 259 -5.23 -5.99 26.85
C GLU B 259 -6.18 -5.93 25.65
N LEU B 260 -7.42 -6.36 25.85
CA LEU B 260 -8.41 -6.35 24.80
C LEU B 260 -8.64 -4.95 24.28
N SER B 261 -8.85 -4.02 25.20
CA SER B 261 -9.14 -2.64 24.85
C SER B 261 -8.00 -1.97 24.12
N ALA B 262 -6.77 -2.36 24.48
CA ALA B 262 -5.59 -1.75 23.91
C ALA B 262 -5.35 -2.21 22.48
N ARG B 263 -5.41 -3.52 22.23
CA ARG B 263 -5.12 -4.02 20.88
C ARG B 263 -6.22 -3.58 19.94
N VAL B 264 -7.46 -3.55 20.44
CA VAL B 264 -8.58 -3.13 19.60
C VAL B 264 -8.40 -1.67 19.18
N LYS B 265 -7.99 -0.81 20.12
CA LYS B 265 -7.67 0.58 19.78
C LYS B 265 -6.57 0.69 18.71
N THR B 266 -5.51 -0.08 18.86
CA THR B 266 -4.41 -0.08 17.89
C THR B 266 -4.92 -0.38 16.49
N GLN B 267 -5.62 -1.50 16.35
CA GLN B 267 -6.01 -1.98 15.05
C GLN B 267 -6.98 -1.02 14.39
N ILE B 268 -8.01 -0.60 15.10
CA ILE B 268 -8.99 0.31 14.54
C ILE B 268 -8.36 1.66 14.19
N GLN B 269 -7.46 2.13 15.02
CA GLN B 269 -6.78 3.40 14.74
C GLN B 269 -5.86 3.31 13.52
N ARG B 270 -5.14 2.19 13.39
CA ARG B 270 -4.28 1.96 12.22
C ARG B 270 -5.10 1.92 10.94
N LYS B 271 -6.27 1.28 11.01
CA LYS B 271 -7.14 1.16 9.85
C LYS B 271 -7.62 2.54 9.41
N ARG B 272 -8.01 3.37 10.37
CA ARG B 272 -8.54 4.69 10.04
C ARG B 272 -7.50 5.65 9.53
N TYR B 273 -6.31 5.60 10.10
CA TYR B 273 -5.18 6.38 9.60
C TYR B 273 -4.91 6.04 8.16
N THR B 274 -4.90 4.73 7.87
CA THR B 274 -4.65 4.22 6.52
C THR B 274 -5.71 4.66 5.52
N ASP B 275 -6.98 4.53 5.90
CA ASP B 275 -8.09 4.87 4.99
C ASP B 275 -8.14 6.37 4.69
N TYR B 276 -7.87 7.17 5.70
CA TYR B 276 -7.77 8.61 5.52
C TYR B 276 -6.65 8.98 4.52
N LEU B 277 -5.54 8.24 4.57
CA LEU B 277 -4.42 8.47 3.66
C LEU B 277 -4.70 8.03 2.22
N ARG B 278 -5.35 6.88 2.03
CA ARG B 278 -5.78 6.46 0.69
C ARG B 278 -6.71 7.51 0.05
N ASN B 279 -7.67 8.03 0.82
CA ASN B 279 -8.54 9.11 0.38
C ASN B 279 -7.83 10.47 0.61
N ASN B 280 -8.48 11.58 0.27
CA ASN B 280 -7.89 12.92 0.48
C ASN B 280 -6.75 13.27 -0.47
N LEU B 281 -6.66 12.58 -0.48
CA LEU B 281 -5.39 12.95 -1.10
C LEU B 281 -5.52 12.80 -2.63
N ASP B 282 -5.86 13.92 -3.27
CA ASP B 282 -6.04 13.94 -4.73
C ASP B 282 -7.38 13.30 -5.08
N HIS B 283 -7.33 12.72 -6.47
CA HIS B 283 -8.59 12.36 -7.14
C HIS B 283 -8.48 11.10 -8.01
N SER B 284 -9.62 10.54 -8.43
CA SER B 284 -9.68 9.40 -9.39
C SER B 284 -11.04 8.69 -9.54
N LEU B 285 -11.24 7.92 -10.63
CA LEU B 285 -12.46 7.26 -11.07
C LEU B 285 -13.05 6.22 -10.14
N GLU B 286 -12.92 5.04 -10.68
CA GLU B 286 -13.41 3.80 -10.10
C GLU B 286 -12.72 3.44 -8.86
N LEU B 287 -11.66 4.16 -8.68
CA LEU B 287 -10.69 3.99 -7.60
C LEU B 287 -11.30 4.36 -6.29
N ALA B 288 -11.62 5.54 -6.12
CA ALA B 288 -12.10 6.64 -5.28
C ALA B 288 -13.41 6.26 -4.59
N VAL B 289 -13.42 6.40 -3.26
CA VAL B 289 -14.55 5.96 -2.45
C VAL B 289 -15.23 7.08 -1.66
N THR B 290 -14.71 8.31 -1.74
CA THR B 290 -15.34 9.46 -1.06
C THR B 290 -15.70 10.61 -2.02
N ASP B 291 -16.76 11.32 -1.68
CA ASP B 291 -17.19 12.51 -2.42
C ASP B 291 -16.23 13.66 -2.13
N GLN B 292 -15.79 14.35 -3.18
CA GLN B 292 -14.83 15.44 -3.04
C GLN B 292 -15.39 16.64 -2.28
N LEU B 293 -16.60 17.06 -2.62
CA LEU B 293 -17.21 18.25 -2.03
C LEU B 293 -17.56 18.09 -0.55
N THR B 294 -18.16 16.96 -0.19
CA THR B 294 -18.66 16.75 1.18
C THR B 294 -17.77 15.88 2.05
N GLY B 295 -16.95 15.02 1.44
CA GLY B 295 -16.15 14.07 2.22
C GLY B 295 -16.93 12.88 2.77
N LEU B 296 -18.19 12.75 2.38
CA LEU B 296 -18.96 11.55 2.69
C LEU B 296 -18.54 10.44 1.72
N HIS B 297 -19.15 9.27 1.85
CA HIS B 297 -18.83 8.14 0.97
C HIS B 297 -19.48 8.30 -0.41
N ASN B 298 -18.85 7.72 -1.43
CA ASN B 298 -19.39 7.58 -2.79
C ASN B 298 -20.66 6.78 -2.78
N ARG B 299 -21.42 6.86 -3.87
CA ARG B 299 -22.50 5.90 -4.10
C ARG B 299 -21.92 4.53 -4.44
N ARG B 300 -20.91 4.50 -5.31
CA ARG B 300 -20.21 3.27 -5.66
C ARG B 300 -19.80 2.50 -4.41
N TYR B 301 -19.11 3.18 -3.50
CA TYR B 301 -18.68 2.56 -2.25
C TYR B 301 -19.85 2.04 -1.41
N MET B 302 -20.91 2.84 -1.32
CA MET B 302 -22.07 2.51 -0.49
C MET B 302 -22.79 1.27 -0.98
N THR B 303 -23.03 1.18 -2.29
CA THR B 303 -23.74 0.04 -2.88
C THR B 303 -22.97 -1.26 -2.70
N GLY B 304 -21.63 -1.19 -2.73
CA GLY B 304 -20.81 -2.34 -2.41
C GLY B 304 -21.13 -2.87 -1.02
N GLN B 305 -21.03 -1.98 -0.03
CA GLN B 305 -21.29 -2.32 1.37
C GLN B 305 -22.72 -2.78 1.60
N LEU B 306 -23.66 -2.16 0.88
CA LEU B 306 -25.09 -2.43 1.08
C LEU B 306 -25.41 -3.85 0.67
N ASP B 307 -24.80 -4.27 -0.42
CA ASP B 307 -24.97 -5.62 -0.96
C ASP B 307 -24.64 -6.69 0.09
N SER B 308 -23.48 -6.56 0.74
CA SER B 308 -23.08 -7.51 1.78
C SER B 308 -24.04 -7.45 2.97
N LEU B 309 -24.39 -6.24 3.37
CA LEU B 309 -25.31 -6.04 4.49
C LEU B 309 -26.67 -6.70 4.25
N VAL B 310 -27.23 -6.50 3.06
CA VAL B 310 -28.53 -7.09 2.74
C VAL B 310 -28.43 -8.61 2.54
N LYS B 311 -27.39 -9.08 1.85
CA LYS B 311 -27.17 -10.52 1.73
C LYS B 311 -27.21 -11.18 3.11
N ARG B 312 -26.49 -10.59 4.06
CA ARG B 312 -26.43 -11.11 5.42
C ARG B 312 -27.80 -11.11 6.10
N ALA B 313 -28.56 -10.03 5.93
CA ALA B 313 -29.88 -9.93 6.56
C ALA B 313 -30.91 -10.92 6.00
N THR B 314 -30.79 -11.31 4.72
CA THR B 314 -31.73 -12.28 4.13
C THR B 314 -31.49 -13.71 4.58
N LEU B 315 -30.32 -13.98 5.17
CA LEU B 315 -29.97 -15.30 5.71
C LEU B 315 -30.28 -15.38 7.21
N GLY B 316 -31.27 -14.62 7.68
CA GLY B 316 -31.56 -14.49 9.11
C GLY B 316 -30.76 -13.36 9.73
N GLY B 317 -30.91 -13.15 11.03
CA GLY B 317 -30.14 -12.12 11.70
C GLY B 317 -30.68 -10.73 11.47
N ASP B 318 -29.99 -9.75 12.04
CA ASP B 318 -30.54 -8.40 12.23
C ASP B 318 -30.74 -7.64 10.92
N PRO B 319 -31.74 -6.76 10.89
CA PRO B 319 -32.07 -6.01 9.69
C PRO B 319 -31.18 -4.78 9.46
N VAL B 320 -31.22 -4.29 8.22
CA VAL B 320 -30.51 -3.08 7.81
C VAL B 320 -31.53 -2.00 7.49
N SER B 321 -31.27 -0.78 7.94
CA SER B 321 -32.16 0.34 7.66
C SER B 321 -31.52 1.34 6.70
N ALA B 322 -32.36 2.00 5.90
CA ALA B 322 -31.89 2.99 4.94
C ALA B 322 -32.71 4.27 5.05
N LEU B 323 -32.00 5.38 5.20
CA LEU B 323 -32.58 6.71 5.12
C LEU B 323 -32.25 7.26 3.75
N LEU B 324 -33.22 7.92 3.12
CA LEU B 324 -32.97 8.70 1.93
C LEU B 324 -33.32 10.15 2.27
N ILE B 325 -32.32 11.04 2.24
CA ILE B 325 -32.52 12.44 2.59
C ILE B 325 -32.56 13.31 1.35
N ASP B 326 -33.45 14.29 1.35
CA ASP B 326 -33.62 15.19 0.23
C ASP B 326 -33.74 16.61 0.78
N ILE B 327 -32.78 17.47 0.47
CA ILE B 327 -32.80 18.86 0.94
C ILE B 327 -33.86 19.65 0.18
N ASP B 328 -34.84 20.16 0.92
CA ASP B 328 -36.02 20.79 0.32
C ASP B 328 -35.67 22.02 -0.52
N PHE B 329 -36.32 22.15 -1.67
CA PHE B 329 -36.13 23.28 -2.58
C PHE B 329 -34.65 23.57 -2.88
N PHE B 330 -33.83 22.53 -3.02
CA PHE B 330 -32.39 22.74 -3.21
C PHE B 330 -32.03 23.34 -4.57
N LYS B 331 -32.75 22.94 -5.62
CA LYS B 331 -32.54 23.53 -6.93
C LYS B 331 -32.92 25.02 -6.92
N LYS B 332 -33.91 25.39 -6.11
CA LYS B 332 -34.31 26.80 -5.97
C LYS B 332 -33.19 27.60 -5.28
N ILE B 333 -32.49 26.96 -4.34
CA ILE B 333 -31.32 27.59 -3.71
C ILE B 333 -30.21 27.81 -4.75
N ASN B 334 -30.05 26.85 -5.67
CA ASN B 334 -29.06 27.00 -6.75
C ASN B 334 -29.37 28.13 -7.75
N ASP B 335 -30.63 28.58 -7.81
CA ASP B 335 -31.04 29.60 -8.77
C ASP B 335 -30.96 31.02 -8.21
N THR B 336 -31.63 31.25 -7.09
CA THR B 336 -31.70 32.59 -6.51
C THR B 336 -30.38 32.99 -5.86
N PHE B 337 -29.70 32.03 -5.23
CA PHE B 337 -28.34 32.24 -4.76
C PHE B 337 -27.40 31.43 -5.66
N GLY B 338 -26.10 31.64 -5.55
CA GLY B 338 -25.14 31.00 -6.47
C GLY B 338 -24.84 29.54 -6.17
N HIS B 339 -24.25 28.84 -7.14
CA HIS B 339 -23.80 27.44 -6.93
C HIS B 339 -22.72 27.34 -5.85
N ASP B 340 -22.00 28.44 -5.61
CA ASP B 340 -21.05 28.52 -4.49
C ASP B 340 -21.79 28.49 -3.15
N ILE B 341 -22.95 29.15 -3.09
CA ILE B 341 -23.78 29.12 -1.88
C ILE B 341 -24.36 27.71 -1.69
N GLY B 342 -24.71 27.05 -2.79
CA GLY B 342 -25.20 25.67 -2.73
C GLY B 342 -24.16 24.70 -2.19
N ASP B 343 -22.92 24.84 -2.66
CA ASP B 343 -21.81 24.02 -2.16
C ASP B 343 -21.67 24.15 -0.65
N GLU B 344 -21.73 25.39 -0.16
CA GLU B 344 -21.63 25.66 1.27
C GLU B 344 -22.75 25.00 2.06
N VAL B 345 -23.95 24.94 1.46
CA VAL B 345 -25.09 24.24 2.06
C VAL B 345 -24.85 22.73 2.07
N LEU B 346 -24.35 22.18 0.98
CA LEU B 346 -24.06 20.75 0.90
C LEU B 346 -23.01 20.31 1.91
N ARG B 347 -22.00 21.16 2.14
CA ARG B 347 -20.95 20.87 3.13
C ARG B 347 -21.48 20.90 4.57
N GLU B 348 -22.22 21.94 4.89
CA GLU B 348 -22.83 22.07 6.22
C GLU B 348 -23.72 20.88 6.52
N PHE B 349 -24.63 20.57 5.59
CA PHE B 349 -25.53 19.44 5.79
C PHE B 349 -24.77 18.15 5.99
N ALA B 350 -23.74 17.93 5.17
CA ALA B 350 -22.90 16.74 5.28
C ALA B 350 -22.28 16.62 6.66
N LEU B 351 -21.77 17.74 7.17
CA LEU B 351 -21.13 17.80 8.48
C LEU B 351 -22.13 17.50 9.60
N ARG B 352 -23.29 18.13 9.55
CA ARG B 352 -24.33 17.89 10.55
C ARG B 352 -24.85 16.46 10.51
N LEU B 353 -25.03 15.93 9.30
CA LEU B 353 -25.47 14.55 9.13
C LEU B 353 -24.47 13.59 9.78
N ALA B 354 -23.21 13.68 9.37
CA ALA B 354 -22.17 12.78 9.84
C ALA B 354 -21.99 12.82 11.35
N SER B 355 -22.17 14.01 11.94
CA SER B 355 -21.99 14.22 13.38
C SER B 355 -23.06 13.56 14.23
N ASN B 356 -24.29 13.49 13.72
CA ASN B 356 -25.43 12.98 14.47
C ASN B 356 -25.87 11.57 14.08
N VAL B 357 -24.93 10.82 13.52
CA VAL B 357 -25.19 9.45 13.14
C VAL B 357 -23.89 8.73 13.48
N ARG B 358 -23.93 7.41 13.69
CA ARG B 358 -22.73 6.70 14.15
C ARG B 358 -21.66 6.63 13.08
N ALA B 359 -20.41 6.49 13.53
CA ALA B 359 -19.26 6.28 12.65
C ALA B 359 -19.36 4.94 11.93
N ILE B 360 -20.00 3.96 12.56
CA ILE B 360 -20.26 2.67 11.90
C ILE B 360 -21.41 2.70 10.89
N ASP B 361 -22.15 3.82 10.82
CA ASP B 361 -23.12 4.01 9.75
C ASP B 361 -22.43 4.58 8.52
N LEU B 362 -23.14 4.55 7.40
CA LEU B 362 -22.60 4.97 6.13
C LEU B 362 -23.43 6.12 5.57
N PRO B 363 -23.11 7.35 5.97
CA PRO B 363 -23.71 8.52 5.33
C PRO B 363 -23.06 8.74 3.96
N CYS B 364 -23.87 8.98 2.93
CA CYS B 364 -23.37 9.10 1.54
C CYS B 364 -23.99 10.20 0.71
N ARG B 365 -23.19 10.73 -0.19
CA ARG B 365 -23.68 11.56 -1.29
C ARG B 365 -24.20 10.59 -2.33
N TYR B 366 -25.52 10.45 -2.39
CA TYR B 366 -26.14 9.45 -3.26
C TYR B 366 -26.30 9.97 -4.68
N GLY B 367 -26.69 11.23 -4.80
CA GLY B 367 -26.68 11.93 -6.07
C GLY B 367 -26.17 13.34 -5.86
N GLY B 368 -26.38 14.20 -6.85
CA GLY B 368 -26.02 15.61 -6.76
C GLY B 368 -26.64 16.33 -5.57
N GLU B 369 -27.93 16.10 -5.36
CA GLU B 369 -28.68 16.75 -4.28
C GLU B 369 -29.11 15.81 -3.17
N GLU B 370 -29.22 14.52 -3.47
CA GLU B 370 -29.79 13.55 -2.52
C GLU B 370 -28.71 12.81 -1.70
N PHE B 371 -29.09 12.39 -0.50
CA PHE B 371 -28.18 11.77 0.45
C PHE B 371 -28.79 10.49 0.98
N VAL B 372 -27.94 9.53 1.33
CA VAL B 372 -28.40 8.26 1.89
C VAL B 372 -27.59 7.91 3.15
N VAL B 373 -28.27 7.38 4.17
CA VAL B 373 -27.59 6.79 5.31
C VAL B 373 -27.99 5.32 5.41
N ILE B 374 -27.02 4.42 5.33
CA ILE B 374 -27.27 3.00 5.61
C ILE B 374 -26.86 2.74 7.05
N MET B 375 -27.71 2.00 7.77
CA MET B 375 -27.48 1.71 9.18
C MET B 375 -27.54 0.22 9.46
N PRO B 376 -26.39 -0.38 9.73
CA PRO B 376 -26.32 -1.79 10.12
C PRO B 376 -27.11 -2.08 11.40
N ASP B 377 -27.68 -3.28 11.47
CA ASP B 377 -28.24 -3.81 12.73
C ASP B 377 -29.22 -2.80 13.36
N THR B 378 -30.14 -2.30 12.53
CA THR B 378 -31.11 -1.28 12.93
C THR B 378 -32.52 -1.61 12.41
N ALA B 379 -33.48 -1.68 13.33
CA ALA B 379 -34.88 -1.97 12.99
C ALA B 379 -35.60 -0.69 12.58
N LEU B 380 -36.64 -0.86 11.76
CA LEU B 380 -37.40 0.27 11.22
C LEU B 380 -37.84 1.27 12.31
N ALA B 381 -38.33 0.75 13.43
CA ALA B 381 -38.76 1.61 14.55
C ALA B 381 -37.67 2.57 15.01
N ASP B 382 -36.41 2.11 15.01
CA ASP B 382 -35.28 2.93 15.44
C ASP B 382 -34.85 3.93 14.36
N ALA B 383 -34.86 3.49 13.10
CA ALA B 383 -34.50 4.35 11.97
C ALA B 383 -35.39 5.60 11.91
N LEU B 384 -36.69 5.41 12.14
CA LEU B 384 -37.65 6.53 12.19
C LEU B 384 -37.25 7.58 13.23
N ARG B 385 -36.87 7.10 14.40
CA ARG B 385 -36.43 7.97 15.49
C ARG B 385 -35.12 8.70 15.12
N ILE B 386 -34.22 7.98 14.46
CA ILE B 386 -32.94 8.55 14.02
C ILE B 386 -33.13 9.61 12.93
N ALA B 387 -34.02 9.31 11.99
CA ALA B 387 -34.40 10.28 10.96
C ALA B 387 -34.92 11.57 11.57
N GLU B 388 -35.69 11.46 12.65
CA GLU B 388 -36.24 12.64 13.34
C GLU B 388 -35.14 13.45 14.01
N ARG B 389 -34.15 12.75 14.57
CA ARG B 389 -33.00 13.39 15.18
C ARG B 389 -32.21 14.25 14.19
N ILE B 390 -32.02 13.70 12.99
CA ILE B 390 -31.32 14.43 11.92
C ILE B 390 -32.14 15.63 11.48
N ARG B 391 -33.42 15.40 11.24
CA ARG B 391 -34.35 16.44 10.82
C ARG B 391 -34.35 17.64 11.78
N MET B 392 -34.25 17.36 13.08
CA MET B 392 -34.22 18.42 14.09
C MET B 392 -32.95 19.25 14.05
N HIS B 393 -31.79 18.58 13.95
CA HIS B 393 -30.51 19.30 13.96
C HIS B 393 -30.34 20.24 12.76
N VAL B 394 -30.95 19.89 11.63
CA VAL B 394 -30.85 20.72 10.43
C VAL B 394 -31.82 21.89 10.44
N SER B 395 -33.05 21.66 10.88
CA SER B 395 -34.06 22.74 10.95
C SER B 395 -34.01 23.51 12.28
N GLY B 396 -33.35 22.95 13.29
CA GLY B 396 -33.23 23.60 14.60
C GLY B 396 -32.25 24.76 14.61
N SER B 397 -31.47 24.90 13.56
CA SER B 397 -30.48 25.95 13.45
C SER B 397 -30.35 26.42 11.98
N PRO B 398 -30.18 27.72 11.75
CA PRO B 398 -29.90 28.21 10.40
C PRO B 398 -28.48 27.91 9.92
N PHE B 399 -28.34 27.77 8.59
CA PHE B 399 -27.06 27.51 7.94
C PHE B 399 -26.36 28.85 7.68
N THR B 400 -25.03 28.84 7.63
CA THR B 400 -24.26 30.05 7.33
C THR B 400 -23.88 30.06 5.85
N VAL B 401 -24.54 30.91 5.07
CA VAL B 401 -24.37 30.90 3.62
C VAL B 401 -23.17 31.73 3.17
N ALA B 402 -23.38 33.01 2.87
CA ALA B 402 -22.39 33.83 2.14
C ALA B 402 -21.11 34.13 2.92
N HIS B 403 -20.17 33.18 2.91
CA HIS B 403 -18.90 33.32 3.64
C HIS B 403 -19.10 33.99 5.01
N GLY B 404 -20.08 33.52 5.77
CA GLY B 404 -20.37 34.04 7.12
C GLY B 404 -21.33 35.22 7.21
N ARG B 405 -21.55 35.92 6.09
CA ARG B 405 -22.26 37.20 6.11
C ARG B 405 -23.78 37.13 5.85
N GLU B 406 -24.32 35.92 5.69
CA GLU B 406 -25.78 35.74 5.58
C GLU B 406 -26.21 34.37 6.11
N MET B 407 -27.30 34.36 6.87
CA MET B 407 -27.84 33.14 7.48
C MET B 407 -29.01 32.60 6.64
N LEU B 408 -29.36 31.33 6.82
CA LEU B 408 -30.36 30.67 5.95
C LEU B 408 -31.07 29.47 6.60
N ASN B 409 -32.40 29.47 6.53
CA ASN B 409 -33.22 28.35 7.02
C ASN B 409 -33.25 27.23 5.99
N VAL B 410 -33.02 26.00 6.46
CA VAL B 410 -33.06 24.82 5.60
C VAL B 410 -33.76 23.65 6.29
N THR B 411 -34.62 22.95 5.55
CA THR B 411 -35.30 21.76 6.04
C THR B 411 -35.01 20.58 5.11
N ILE B 412 -35.39 19.38 5.56
CA ILE B 412 -35.19 18.17 4.76
C ILE B 412 -36.42 17.27 4.77
N SER B 413 -36.54 16.43 3.75
CA SER B 413 -37.55 15.38 3.70
C SER B 413 -36.84 14.03 3.70
N ILE B 414 -37.30 13.12 4.55
CA ILE B 414 -36.65 11.83 4.71
C ILE B 414 -37.60 10.67 4.49
N GLY B 415 -37.14 9.69 3.72
CA GLY B 415 -37.84 8.42 3.54
C GLY B 415 -37.04 7.33 4.22
N VAL B 416 -37.74 6.40 4.86
CA VAL B 416 -37.10 5.43 5.74
C VAL B 416 -37.57 4.00 5.47
N SER B 417 -36.63 3.08 5.43
CA SER B 417 -36.96 1.68 5.20
C SER B 417 -36.02 0.72 5.92
N ALA B 418 -36.39 -0.56 5.89
CA ALA B 418 -35.64 -1.62 6.55
C ALA B 418 -35.85 -2.96 5.84
N THR B 419 -34.84 -3.81 5.86
CA THR B 419 -34.95 -5.11 5.20
C THR B 419 -36.00 -5.98 5.88
N ALA B 420 -36.50 -6.97 5.15
CA ALA B 420 -37.48 -7.90 5.65
C ALA B 420 -37.44 -9.20 4.84
N GLY B 421 -36.91 -10.25 5.47
CA GLY B 421 -37.04 -11.61 4.93
C GLY B 421 -36.04 -12.02 3.87
N GLU B 422 -36.22 -13.24 3.38
CA GLU B 422 -35.33 -13.91 2.42
C GLU B 422 -35.33 -13.25 1.03
N GLY B 423 -36.48 -12.72 0.62
CA GLY B 423 -36.63 -12.16 -0.72
C GLY B 423 -35.96 -10.81 -0.97
N ASP B 424 -35.60 -10.10 0.10
CA ASP B 424 -35.24 -8.67 0.00
C ASP B 424 -33.97 -8.39 -0.81
N THR B 425 -33.81 -7.13 -1.21
CA THR B 425 -32.73 -6.69 -2.10
C THR B 425 -32.34 -5.24 -1.81
N PRO B 426 -31.08 -4.86 -2.13
CA PRO B 426 -30.71 -3.44 -2.18
C PRO B 426 -31.65 -2.59 -3.06
N GLU B 427 -32.04 -3.12 -4.22
CA GLU B 427 -32.96 -2.45 -5.14
C GLU B 427 -34.26 -2.11 -4.42
N ALA B 428 -34.85 -3.14 -3.81
CA ALA B 428 -36.15 -3.02 -3.16
C ALA B 428 -36.11 -2.12 -1.94
N LEU B 429 -35.01 -2.20 -1.18
CA LEU B 429 -34.83 -1.41 0.03
C LEU B 429 -34.87 0.08 -0.27
N LEU B 430 -33.98 0.50 -1.19
CA LEU B 430 -33.91 1.89 -1.61
C LEU B 430 -35.19 2.39 -2.30
N LYS B 431 -35.81 1.53 -3.12
CA LYS B 431 -37.09 1.87 -3.73
C LYS B 431 -38.11 2.22 -2.66
N ARG B 432 -38.22 1.37 -1.64
CA ARG B 432 -39.13 1.60 -0.50
C ARG B 432 -38.86 2.91 0.21
N ALA B 433 -37.59 3.23 0.44
CA ALA B 433 -37.22 4.51 1.03
C ALA B 433 -37.60 5.66 0.10
N ASP B 434 -37.40 5.47 -1.20
CA ASP B 434 -37.70 6.51 -2.20
C ASP B 434 -39.17 6.90 -2.19
N GLU B 435 -40.05 5.94 -1.96
CA GLU B 435 -41.48 6.20 -1.81
C GLU B 435 -41.74 7.02 -0.55
N GLY B 436 -40.95 6.79 0.49
CA GLY B 436 -41.01 7.59 1.71
C GLY B 436 -40.75 9.07 1.43
N VAL B 437 -39.71 9.36 0.65
CA VAL B 437 -39.36 10.75 0.32
C VAL B 437 -40.44 11.38 -0.55
N TYR B 438 -40.99 10.61 -1.50
CA TYR B 438 -42.10 11.07 -2.32
C TYR B 438 -43.27 11.51 -1.45
N GLN B 439 -43.67 10.64 -0.52
CA GLN B 439 -44.81 10.92 0.37
C GLN B 439 -44.55 12.05 1.36
N ALA B 440 -43.32 12.15 1.87
CA ALA B 440 -42.94 13.22 2.79
C ALA B 440 -43.15 14.60 2.18
N LYS B 441 -42.84 14.73 0.89
CA LYS B 441 -43.10 15.98 0.15
C LYS B 441 -44.59 16.20 -0.09
N ALA B 442 -45.34 15.11 -0.28
CA ALA B 442 -46.79 15.17 -0.48
C ALA B 442 -47.54 15.60 0.79
N SER B 443 -46.88 15.50 1.94
CA SER B 443 -47.44 16.01 3.20
C SER B 443 -47.11 17.49 3.41
N GLY B 444 -46.10 17.99 2.70
CA GLY B 444 -45.67 19.39 2.80
C GLY B 444 -44.24 19.58 3.27
N ARG B 445 -43.37 18.61 2.99
CA ARG B 445 -41.93 18.67 3.31
C ARG B 445 -41.64 18.75 4.82
N ASN B 446 -40.36 18.88 5.18
CA ASN B 446 -39.93 18.92 6.58
C ASN B 446 -40.60 17.82 7.42
N ALA B 447 -40.43 16.58 6.98
CA ALA B 447 -41.10 15.43 7.60
C ALA B 447 -40.33 14.12 7.37
N VAL B 448 -40.81 13.06 8.00
CA VAL B 448 -40.22 11.72 7.94
C VAL B 448 -41.33 10.71 7.65
N VAL B 449 -41.05 9.74 6.77
CA VAL B 449 -42.07 8.74 6.40
C VAL B 449 -41.44 7.37 6.16
N GLY B 450 -41.86 6.39 6.96
CA GLY B 450 -41.36 5.02 6.85
C GLY B 450 -42.24 4.13 5.96
N LYS B 451 -41.62 3.14 5.33
CA LYS B 451 -42.32 2.21 4.42
C LYS B 451 -41.97 0.75 4.71
N ALA B 452 -42.93 0.03 5.29
CA ALA B 452 -42.75 -1.35 5.75
C ALA B 452 -43.04 -2.37 4.65
N ALA B 453 -42.23 -3.44 4.61
CA ALA B 453 -42.41 -4.52 3.64
C ALA B 453 -43.67 -5.35 3.94
N HIS B 454 -44.71 -4.72 4.12
CA HIS B 454 -45.82 -4.74 3.22
C HIS B 454 -47.14 -4.76 3.94
ZN ZN C . 36.01 29.01 -14.76
MG MG D . 5.60 -35.66 -14.39
P1 C2E E . 6.89 27.98 -14.99
O2P C2E E . 5.74 27.34 -14.25
O1P C2E E . 8.13 27.12 -14.95
O5' C2E E . 6.53 28.18 -16.54
C5' C2E E . 7.54 28.56 -17.48
C4' C2E E . 6.93 28.82 -18.85
O4' C2E E . 6.64 27.56 -19.48
C3' C2E E . 5.63 29.63 -18.86
O3' C2E E . 5.88 31.06 -18.98
C2' C2E E . 4.92 29.04 -20.05
O2' C2E E . 5.36 29.72 -21.23
C1' C2E E . 5.38 27.61 -20.15
N9 C2E E . 4.41 26.65 -19.53
C8 C2E E . 4.33 26.31 -18.23
N7 C2E E . 3.32 25.41 -18.02
C5 C2E E . 2.75 25.16 -19.21
C6 C2E E . 1.65 24.31 -19.71
O6 C2E E . 0.98 23.58 -18.94
N1 C2E E . 1.36 24.33 -21.02
C2 C2E E . 2.06 25.10 -21.88
N2 C2E E . 1.73 25.09 -23.19
N3 C2E E . 3.08 25.91 -21.50
C4 C2E E . 3.47 25.97 -20.20
P11 C2E E . 4.74 31.89 -18.19
O21 C2E E . 3.38 31.31 -18.50
O11 C2E E . 4.80 33.32 -18.63
O5A C2E E . 5.01 31.78 -16.60
C5A C2E E . 6.30 32.06 -16.06
C4A C2E E . 6.35 31.68 -14.58
O4A C2E E . 5.40 32.45 -13.82
C3A C2E E . 6.04 30.22 -14.30
O3A C2E E . 7.22 29.40 -14.33
C2A C2E E . 5.39 30.25 -12.93
O2A C2E E . 6.38 30.08 -11.92
C1A C2E E . 4.78 31.64 -12.81
N91 C2E E . 3.30 31.64 -12.99
C81 C2E E . 2.64 31.66 -14.16
N71 C2E E . 1.29 31.65 -13.95
C51 C2E E . 1.09 31.61 -12.63
C61 C2E E . -0.09 31.57 -11.74
O61 C2E E . -1.26 31.58 -12.18
N11 C2E E . 0.12 31.53 -10.42
C21 C2E E . 1.36 31.52 -9.90
N21 C2E E . 1.48 31.49 -8.55
N31 C2E E . 2.49 31.56 -10.64
C41 C2E E . 2.41 31.60 -12.01
P1 C2E F . 27.81 0.70 -22.28
O2P C2E F . 26.65 0.84 -21.37
O1P C2E F . 28.72 -0.41 -21.80
O5' C2E F . 27.34 0.31 -23.76
C5' C2E F . 28.36 0.07 -24.73
C4' C2E F . 27.78 -0.01 -26.13
O4' C2E F . 26.76 -1.00 -26.19
C3' C2E F . 27.16 1.29 -26.65
O3' C2E F . 28.17 2.12 -27.22
C2' C2E F . 26.18 0.74 -27.67
O2' C2E F . 26.79 0.49 -28.94
C1' C2E F . 25.73 -0.59 -27.09
N9 C2E F . 24.46 -0.49 -26.34
C8 C2E F . 24.32 -0.69 -25.01
N7 C2E F . 23.03 -0.55 -24.66
C5 C2E F . 22.31 -0.25 -25.74
C6 C2E F . 20.90 0.04 -26.05
O6 C2E F . 20.01 0.03 -25.19
N1 C2E F . 20.58 0.30 -27.31
C2 C2E F . 21.49 0.31 -28.30
N2 C2E F . 21.08 0.61 -29.56
N3 C2E F . 22.80 0.07 -28.09
C4 C2E F . 23.27 -0.21 -26.86
P11 C2E F . 27.74 3.64 -27.11
O21 C2E F . 26.39 3.81 -27.76
O11 C2E F . 28.77 4.49 -27.83
O5A C2E F . 27.74 4.08 -25.57
C5A C2E F . 28.96 4.08 -24.86
C4A C2E F . 28.68 4.25 -23.37
O4A C2E F . 28.01 5.49 -23.14
C3A C2E F . 27.81 3.14 -22.78
O3A C2E F . 28.64 2.06 -22.33
C2A C2E F . 27.14 3.87 -21.65
O2A C2E F . 27.97 3.83 -20.49
C1A C2E F . 27.02 5.30 -22.13
N91 C2E F . 25.68 5.56 -22.70
C81 C2E F . 25.30 5.64 -23.99
N71 C2E F . 23.98 5.92 -24.09
C51 C2E F . 23.49 6.03 -22.83
C61 C2E F . 22.19 6.32 -22.19
O61 C2E F . 21.17 6.53 -22.87
N11 C2E F . 22.14 6.34 -20.86
C21 C2E F . 23.22 6.10 -20.09
N21 C2E F . 23.07 6.13 -18.75
N31 C2E F . 24.44 5.84 -20.60
C41 C2E F . 24.62 5.79 -21.93
P1 C2E G . 16.70 0.35 -28.20
O2P C2E G . 18.10 0.41 -28.75
O1P C2E G . 15.73 -0.14 -29.25
O5' C2E G . 16.69 -0.66 -26.97
C5' C2E G . 15.43 -0.95 -26.38
C4' C2E G . 15.65 -1.54 -24.98
O4' C2E G . 16.30 -2.80 -25.14
C3' C2E G . 16.48 -0.70 -24.02
O3' C2E G . 15.56 0.10 -23.26
C2' C2E G . 17.17 -1.77 -23.22
O2' C2E G . 16.39 -2.16 -22.10
C1' C2E G . 17.29 -2.98 -24.12
N9 C2E G . 18.60 -3.12 -24.78
C8 C2E G . 18.85 -3.03 -26.11
N7 C2E G . 20.18 -3.22 -26.36
C5 C2E G . 20.78 -3.44 -25.19
C6 C2E G . 22.16 -3.73 -24.73
O6 C2E G . 23.11 -3.80 -25.53
N1 C2E G . 22.37 -3.89 -23.43
C2 C2E G . 21.37 -3.83 -22.52
N2 C2E G . 21.64 -4.01 -21.22
N3 C2E G . 20.09 -3.57 -22.87
C4 C2E G . 19.75 -3.37 -24.15
P11 C2E G . 16.29 1.40 -22.68
O21 C2E G . 17.40 0.98 -21.76
O11 C2E G . 15.29 2.21 -21.91
O5A C2E G . 16.84 2.28 -23.89
C5A C2E G . 15.88 2.91 -24.72
C4A C2E G . 16.57 3.45 -25.95
O4A C2E G . 17.58 4.40 -25.58
C3A C2E G . 17.24 2.40 -26.83
O3A C2E G . 16.25 1.83 -27.71
C2A C2E G . 18.27 3.25 -27.52
O2A C2E G . 17.68 3.91 -28.64
C1A C2E G . 18.67 4.29 -26.50
N91 C2E G . 19.89 3.84 -25.79
C81 C2E G . 19.98 3.42 -24.52
N71 C2E G . 21.28 3.08 -24.23
C51 C2E G . 22.01 3.27 -25.33
C61 C2E G . 23.43 3.13 -25.74
O61 C2E G . 24.31 2.72 -24.96
N11 C2E G . 23.74 3.45 -26.99
C21 C2E G . 22.83 3.91 -27.88
N21 C2E G . 23.23 4.23 -29.13
N31 C2E G . 21.53 4.07 -27.58
C41 C2E G . 21.08 3.78 -26.35
MG MG H . 12.12 -2.61 36.86
P1 C2E I . -28.41 0.57 21.50
O2P C2E I . -27.31 0.56 20.46
O1P C2E I . -28.28 -0.65 22.37
O5' C2E I . -28.34 1.87 22.44
C5' C2E I . -29.24 1.91 23.53
C4' C2E I . -29.27 3.30 24.18
O4' C2E I . -27.95 3.65 24.61
C3' C2E I . -29.76 4.42 23.29
O3' C2E I . -31.18 4.49 23.31
C2' C2E I . -29.07 5.62 23.91
O2' C2E I . -29.80 6.17 25.02
C1' C2E I . -27.77 5.06 24.45
N9 C2E I . -26.66 5.28 23.49
C8 C2E I . -25.99 4.31 22.84
N7 C2E I . -25.03 4.84 22.07
C5 C2E I . -25.06 6.17 22.21
C6 C2E I . -24.29 7.31 21.68
O6 C2E I . -23.36 7.17 20.87
N1 C2E I . -24.64 8.53 22.09
C2 C2E I . -25.65 8.74 22.95
N2 C2E I . -25.94 9.99 23.32
N3 C2E I . -26.38 7.72 23.49
C4 C2E I . -26.14 6.45 23.16
P11 C2E I . -31.75 5.09 21.93
O21 C2E I . -31.14 6.45 21.71
O11 C2E I . -33.23 5.22 22.02
O5A C2E I . -31.43 4.06 20.74
C5A C2E I . -32.08 2.81 20.79
C4A C2E I . -31.48 1.90 19.76
O4A C2E I . -31.65 2.44 18.44
C3A C2E I . -29.98 1.66 19.95
O3A C2E I . -29.82 0.52 20.78
C2A C2E I . -29.53 1.40 18.54
O2A C2E I . -29.75 0.02 18.24
C1A C2E I . -30.45 2.24 17.68
N91 C2E I . -29.84 3.53 17.32
C81 C2E I . -30.06 4.76 17.84
N71 C2E I . -29.29 5.69 17.23
C51 C2E I . -28.56 5.07 16.29
C61 C2E I . -27.55 5.44 15.27
O61 C2E I . -27.14 6.61 15.10
N11 C2E I . -27.05 4.46 14.51
C21 C2E I . -27.45 3.18 14.63
N21 C2E I . -26.89 2.26 13.82
N31 C2E I . -28.36 2.75 15.54
C41 C2E I . -28.93 3.65 16.36
P1 C2E J . -22.16 11.54 21.21
O2P C2E J . -23.42 11.23 21.96
O1P C2E J . -21.44 12.74 21.81
O5' C2E J . -21.13 10.30 21.27
C5' C2E J . -19.82 10.51 20.80
C4' C2E J . -19.14 9.16 20.57
O4' C2E J . -18.94 8.53 21.85
C3' C2E J . -19.90 8.19 19.67
O3' C2E J . -19.46 8.41 18.32
C2' C2E J . -19.50 6.86 20.26
O2' C2E J . -18.29 6.37 19.65
C1' C2E J . -19.20 7.13 21.73
N9 C2E J . -20.32 6.81 22.64
C8 C2E J . -21.05 7.69 23.36
N7 C2E J . -22.02 7.07 24.10
C5 C2E J . -21.89 5.76 23.85
C6 C2E J . -22.57 4.52 24.28
O6 C2E J . -23.51 4.59 25.08
N1 C2E J . -22.15 3.35 23.77
C2 C2E J . -21.12 3.28 22.91
N2 C2E J . -20.72 2.07 22.43
N3 C2E J . -20.46 4.37 22.47
C4 C2E J . -20.78 5.60 22.89
P11 C2E J . -20.54 7.88 17.26
O21 C2E J . -20.76 6.42 17.47
O11 C2E J . -20.01 8.10 15.87
O5A C2E J . -21.91 8.70 17.44
C5A C2E J . -21.85 10.09 17.13
C4A C2E J . -23.08 10.80 17.62
O4A C2E J . -24.24 10.18 17.05
C3A C2E J . -23.25 10.77 19.13
O3A C2E J . -22.51 11.86 19.69
C2A C2E J . -24.76 10.92 19.22
O2A C2E J . -25.11 12.30 19.15
C1A C2E J . -25.31 10.21 17.99
N91 C2E J . -25.69 8.83 18.33
C81 C2E J . -25.10 7.68 17.95
N71 C2E J . -25.74 6.60 18.47
C51 C2E J . -26.77 7.07 19.19
C61 C2E J . -27.85 6.49 20.01
O61 C2E J . -27.98 5.25 20.16
N11 C2E J . -28.71 7.33 20.59
C21 C2E J . -28.61 8.66 20.47
N21 C2E J . -29.52 9.45 21.09
N31 C2E J . -27.65 9.27 19.72
C41 C2E J . -26.73 8.53 19.09
#